data_7NDU
#
_entry.id   7NDU
#
_cell.length_a   88.980
_cell.length_b   88.980
_cell.length_c   293.570
_cell.angle_alpha   90.000
_cell.angle_beta   90.000
_cell.angle_gamma   90.000
#
_symmetry.space_group_name_H-M   'P 43 21 2'
#
loop_
_entity.id
_entity.type
_entity.pdbx_description
1 polymer 'HLA class I histocompatibility antigen, alpha chain E'
2 polymer Beta-2-microglobulin
3 polymer 'Gag6V(276-284 H4C)'
4 polymer 'T cell receptor alpha variable 4,T cell receptor alpha joining 23,M1-specific T cell receptor alpha chain'
5 polymer 'T cell receptor beta variable 7-9,T cell receptor beta joining 1-2,Human nkt tcr beta chain'
#
loop_
_entity_poly.entity_id
_entity_poly.type
_entity_poly.pdbx_seq_one_letter_code
_entity_poly.pdbx_strand_id
1 'polypeptide(L)'
;MGSHSLKYFHTSVSRPGRGEPRFISVGYVDDTQFVRFDNDAASPRMVPRAPWMEQEGSEYWDRETRSARDTAQIFRVNLR
TLRGYYNQSEAGSHTLQWMHGCELGPDGRFLRGYEQCAYDGKDYLTLNEDLRSWTAVDTAAQISEQKSNDASEAEHQRAY
LEDTCVEWLHKYLEKGKETLLHLEPPKTHVTHHPISDHEATLRCWALGFYPAEITLTWQQDGEGHTQDTELVETRPAGDG
TFQKWAAVVVPSGEEQRYTCHVQHEGLPEPVTLRWKP
;
AAA
2 'polypeptide(L)'
;MIQRTPKIQVYSRHPAENGKSNFLNCYVSGFHPSDIEVDLLKNGERIEKVEHSDLSFSKDWSFYLLYYTEFTPTEKDEYA
CRVNHVTLSQPKIVKWDRDM
;
BBB
3 'polypeptide(L)' RMYSPVSI(QM8) CCC
4 'polypeptide(L)'
;MLAKTTQPISMDSYEGQEVNITCSHNNIATNDYITWYQQFPSQGPRFIIQGYKTKVTNEVASLFIPADRKSSTLSLPRVS
LSDTAVYYCLVGSSFNQGGKLIFGQGTELSVKPNIQNPDPAVYQLRDSKSSDKSVCLFTDFDSQTNVSQSKDSDVYITDK
CVLDMRSMDFKSNSAVAWSNKSDFACANAFNNSIIPEDT
;
DDD
5 'polypeptide(L)'
;MDTGVSQNPRHKITKRGQNVTFRCDPISEHNRLYWYRQTLGQGPEFLTYFQNEAQLEKSRLLSDRFSAERPKGSFSTLEI
QRTEQGDSAMYLCASSLGREYGYTFGSGTRLTVVEDLNKVFPPEVAVFEPSEAEISHTQKATLVCLATGFYPDHVELSWW
VNGKEVHSGVCTDPQPLKEQPALNDSRYALSSRLRVSATFWQDPRNHFRCQVQFYGLSENDEWTQDRAKPVTQIVSAEAW
GRAD
;
EEE
#
# COMPACT_ATOMS: atom_id res chain seq x y z
N GLY A 2 -26.01 26.61 -4.23
CA GLY A 2 -24.85 26.71 -3.28
C GLY A 2 -24.20 25.35 -3.06
N SER A 3 -25.01 24.30 -2.92
CA SER A 3 -24.57 22.92 -2.56
C SER A 3 -23.62 22.35 -3.63
N HIS A 4 -22.40 21.94 -3.25
CA HIS A 4 -21.34 21.39 -4.14
C HIS A 4 -20.79 20.07 -3.61
N SER A 5 -20.48 19.14 -4.51
CA SER A 5 -19.94 17.79 -4.19
C SER A 5 -18.87 17.37 -5.21
N LEU A 6 -17.76 16.77 -4.74
CA LEU A 6 -16.75 16.04 -5.53
C LEU A 6 -16.84 14.56 -5.16
N LYS A 7 -17.47 13.77 -6.02
CA LYS A 7 -17.73 12.33 -5.83
C LYS A 7 -16.88 11.60 -6.88
N TYR A 8 -16.74 10.27 -6.72
CA TYR A 8 -15.86 9.38 -7.52
C TYR A 8 -16.50 7.98 -7.51
N PHE A 9 -16.57 7.29 -8.66
CA PHE A 9 -17.37 6.05 -8.81
C PHE A 9 -16.55 4.97 -9.51
N HIS A 10 -16.20 3.91 -8.79
CA HIS A 10 -15.35 2.80 -9.27
C HIS A 10 -16.17 1.52 -9.40
N THR A 11 -15.95 0.81 -10.49
CA THR A 11 -16.71 -0.40 -10.84
C THR A 11 -15.68 -1.45 -11.26
N SER A 12 -15.57 -2.51 -10.48
CA SER A 12 -14.78 -3.70 -10.85
C SER A 12 -15.74 -4.84 -11.17
N VAL A 13 -15.54 -5.51 -12.31
CA VAL A 13 -16.43 -6.58 -12.82
C VAL A 13 -15.56 -7.71 -13.36
N SER A 14 -15.65 -8.90 -12.77
CA SER A 14 -14.81 -10.05 -13.14
C SER A 14 -15.37 -10.70 -14.41
N ARG A 15 -14.51 -11.36 -15.18
CA ARG A 15 -14.75 -11.84 -16.56
C ARG A 15 -14.20 -13.26 -16.68
N PRO A 16 -14.88 -14.25 -16.08
CA PRO A 16 -14.30 -15.59 -15.94
C PRO A 16 -13.74 -16.09 -17.28
N GLY A 17 -12.43 -16.33 -17.34
CA GLY A 17 -11.74 -16.92 -18.50
C GLY A 17 -11.77 -16.04 -19.76
N ARG A 18 -12.03 -14.74 -19.61
CA ARG A 18 -12.02 -13.75 -20.73
C ARG A 18 -11.06 -12.63 -20.36
N GLY A 19 -9.84 -12.98 -19.93
CA GLY A 19 -8.88 -12.02 -19.35
C GLY A 19 -9.29 -11.59 -17.94
N GLU A 20 -8.51 -10.69 -17.34
CA GLU A 20 -8.58 -10.32 -15.89
C GLU A 20 -9.64 -9.23 -15.71
N PRO A 21 -10.04 -8.92 -14.46
CA PRO A 21 -11.28 -8.18 -14.20
C PRO A 21 -11.24 -6.75 -14.76
N ARG A 22 -12.40 -6.32 -15.25
CA ARG A 22 -12.68 -4.98 -15.81
C ARG A 22 -12.72 -3.98 -14.66
N PHE A 23 -12.15 -2.79 -14.85
CA PHE A 23 -12.17 -1.70 -13.85
C PHE A 23 -12.44 -0.36 -14.54
N ILE A 24 -13.32 0.47 -13.97
CA ILE A 24 -13.61 1.85 -14.47
C ILE A 24 -13.80 2.81 -13.29
N SER A 25 -13.13 3.97 -13.36
CA SER A 25 -13.37 5.15 -12.51
C SER A 25 -14.06 6.21 -13.35
N VAL A 26 -14.92 6.98 -12.71
CA VAL A 26 -15.41 8.30 -13.20
C VAL A 26 -15.43 9.21 -12.00
N GLY A 27 -15.07 10.47 -12.17
CA GLY A 27 -15.16 11.51 -11.14
C GLY A 27 -16.07 12.62 -11.58
N TYR A 28 -16.92 13.12 -10.69
CA TYR A 28 -17.87 14.23 -10.95
C TYR A 28 -17.53 15.40 -10.01
N VAL A 29 -17.40 16.62 -10.52
CA VAL A 29 -17.69 17.85 -9.73
C VAL A 29 -19.16 18.20 -9.94
N ASP A 30 -19.92 18.27 -8.85
CA ASP A 30 -21.37 18.53 -8.91
C ASP A 30 -21.95 17.48 -9.87
N ASP A 31 -22.54 17.93 -11.00
CA ASP A 31 -23.28 17.07 -11.96
C ASP A 31 -22.46 16.88 -13.24
N THR A 32 -21.22 17.39 -13.25
CA THR A 32 -20.32 17.41 -14.42
C THR A 32 -19.21 16.38 -14.22
N GLN A 33 -19.27 15.23 -14.89
CA GLN A 33 -18.11 14.30 -14.93
C GLN A 33 -16.92 15.06 -15.52
N PHE A 34 -15.73 14.92 -14.95
CA PHE A 34 -14.52 15.69 -15.34
C PHE A 34 -13.30 14.78 -15.59
N VAL A 35 -13.32 13.50 -15.18
CA VAL A 35 -12.19 12.54 -15.38
C VAL A 35 -12.75 11.15 -15.69
N ARG A 36 -11.86 10.22 -16.04
CA ARG A 36 -12.17 8.80 -16.30
C ARG A 36 -10.86 7.99 -16.28
N PHE A 37 -10.90 6.80 -15.68
CA PHE A 37 -9.91 5.71 -15.87
C PHE A 37 -10.64 4.46 -16.39
N ASP A 38 -10.01 3.74 -17.31
CA ASP A 38 -10.44 2.42 -17.81
C ASP A 38 -9.19 1.58 -18.11
N ASN A 39 -8.95 0.53 -17.32
CA ASN A 39 -7.70 -0.26 -17.40
C ASN A 39 -7.64 -1.04 -18.72
N ASP A 40 -8.72 -1.05 -19.51
CA ASP A 40 -8.77 -1.84 -20.78
C ASP A 40 -7.95 -1.17 -21.89
N ALA A 41 -7.37 0.02 -21.66
CA ALA A 41 -6.23 0.56 -22.45
C ALA A 41 -4.96 -0.23 -22.05
N ALA A 42 -4.05 -0.52 -23.00
CA ALA A 42 -2.80 -1.33 -22.77
C ALA A 42 -1.73 -0.45 -22.08
N SER A 43 -1.91 0.88 -22.17
CA SER A 43 -1.31 1.91 -21.28
C SER A 43 -2.45 2.68 -20.62
N PRO A 44 -3.03 2.15 -19.50
CA PRO A 44 -4.15 2.79 -18.82
C PRO A 44 -3.70 4.11 -18.18
N ARG A 45 -4.47 5.19 -18.36
CA ARG A 45 -4.15 6.52 -17.76
C ARG A 45 -5.47 7.17 -17.30
N MET A 46 -5.44 7.97 -16.24
CA MET A 46 -6.54 8.91 -15.94
C MET A 46 -6.49 10.00 -17.01
N VAL A 47 -7.60 10.22 -17.72
CA VAL A 47 -7.75 11.22 -18.82
C VAL A 47 -8.79 12.26 -18.43
N PRO A 48 -8.74 13.49 -18.97
CA PRO A 48 -9.81 14.49 -18.75
C PRO A 48 -11.09 14.16 -19.53
N ARG A 49 -12.27 14.51 -18.99
CA ARG A 49 -13.60 14.47 -19.66
C ARG A 49 -14.33 15.81 -19.49
N ALA A 50 -13.60 16.90 -19.26
CA ALA A 50 -14.11 18.29 -19.32
C ALA A 50 -13.04 19.17 -19.98
N PRO A 51 -13.45 20.20 -20.73
CA PRO A 51 -12.49 21.13 -21.35
C PRO A 51 -11.58 21.91 -20.38
N TRP A 52 -12.02 22.08 -19.14
CA TRP A 52 -11.28 22.83 -18.10
C TRP A 52 -10.28 21.92 -17.37
N MET A 53 -10.17 20.66 -17.75
CA MET A 53 -9.10 19.74 -17.26
C MET A 53 -8.03 19.52 -18.35
N GLU A 54 -8.09 20.25 -19.47
CA GLU A 54 -7.31 19.96 -20.69
C GLU A 54 -5.88 20.50 -20.59
N GLN A 55 -5.65 21.57 -19.81
CA GLN A 55 -4.33 22.27 -19.74
C GLN A 55 -3.69 22.01 -18.37
N GLU A 56 -3.91 20.83 -17.78
CA GLU A 56 -3.33 20.44 -16.46
C GLU A 56 -1.88 19.98 -16.61
N GLY A 57 -1.13 20.10 -15.52
CA GLY A 57 0.26 19.63 -15.46
C GLY A 57 0.34 18.17 -15.86
N SER A 58 1.55 17.69 -16.17
CA SER A 58 1.80 16.28 -16.49
C SER A 58 1.84 15.48 -15.19
N GLU A 59 2.28 16.09 -14.10
CA GLU A 59 2.41 15.46 -12.76
C GLU A 59 1.00 15.15 -12.25
N TYR A 60 0.02 16.01 -12.51
CA TYR A 60 -1.36 15.81 -11.98
C TYR A 60 -1.80 14.42 -12.46
N TRP A 61 -1.75 14.20 -13.78
CA TRP A 61 -2.29 12.99 -14.46
C TRP A 61 -1.52 11.75 -14.00
N ASP A 62 -0.20 11.88 -13.80
CA ASP A 62 0.74 10.81 -13.34
C ASP A 62 0.28 10.33 -11.97
N ARG A 63 -0.05 11.27 -11.08
CA ARG A 63 -0.35 11.10 -9.63
C ARG A 63 -1.72 10.41 -9.53
N GLU A 64 -2.62 10.74 -10.46
CA GLU A 64 -4.01 10.20 -10.55
C GLU A 64 -4.00 8.82 -11.22
N THR A 65 -3.16 8.62 -12.25
CA THR A 65 -2.96 7.31 -12.90
C THR A 65 -2.37 6.33 -11.86
N ARG A 66 -1.51 6.84 -10.97
CA ARG A 66 -0.92 6.07 -9.85
C ARG A 66 -2.09 5.61 -8.98
N SER A 67 -2.80 6.53 -8.35
CA SER A 67 -3.98 6.21 -7.51
C SER A 67 -4.87 5.17 -8.21
N ALA A 68 -5.09 5.31 -9.51
CA ALA A 68 -6.11 4.55 -10.26
C ALA A 68 -5.69 3.09 -10.43
N ARG A 69 -4.47 2.86 -10.96
CA ARG A 69 -3.98 1.50 -11.25
C ARG A 69 -3.82 0.78 -9.91
N ASP A 70 -3.55 1.51 -8.83
CA ASP A 70 -3.47 0.98 -7.44
C ASP A 70 -4.82 0.39 -7.05
N THR A 71 -5.89 1.12 -7.36
CA THR A 71 -7.27 0.75 -6.97
C THR A 71 -7.73 -0.45 -7.81
N ALA A 72 -7.46 -0.44 -9.11
CA ALA A 72 -7.73 -1.56 -10.06
C ALA A 72 -7.11 -2.87 -9.51
N GLN A 73 -5.88 -2.80 -9.06
CA GLN A 73 -5.10 -3.99 -8.62
C GLN A 73 -5.63 -4.49 -7.27
N ILE A 74 -5.89 -3.58 -6.33
CA ILE A 74 -6.49 -3.94 -5.02
C ILE A 74 -7.84 -4.62 -5.30
N PHE A 75 -8.69 -3.98 -6.10
CA PHE A 75 -10.06 -4.48 -6.38
C PHE A 75 -9.98 -5.79 -7.18
N ARG A 76 -8.97 -5.95 -8.04
CA ARG A 76 -8.72 -7.23 -8.75
C ARG A 76 -8.62 -8.33 -7.70
N VAL A 77 -7.93 -8.04 -6.58
CA VAL A 77 -7.76 -8.93 -5.40
C VAL A 77 -9.10 -9.06 -4.69
N ASN A 78 -9.68 -7.93 -4.25
CA ASN A 78 -10.92 -7.88 -3.42
C ASN A 78 -11.97 -8.80 -4.04
N LEU A 79 -12.00 -8.94 -5.38
CA LEU A 79 -12.88 -9.87 -6.13
C LEU A 79 -12.51 -11.33 -5.85
N ARG A 80 -11.24 -11.69 -5.87
CA ARG A 80 -10.83 -13.07 -5.51
C ARG A 80 -11.14 -13.28 -4.03
N THR A 81 -10.77 -12.32 -3.17
CA THR A 81 -10.94 -12.41 -1.70
C THR A 81 -12.37 -12.83 -1.38
N LEU A 82 -13.34 -12.04 -1.85
CA LEU A 82 -14.78 -12.21 -1.53
C LEU A 82 -15.29 -13.49 -2.16
N ARG A 83 -15.03 -13.71 -3.45
CA ARG A 83 -15.40 -14.98 -4.13
C ARG A 83 -15.17 -16.12 -3.14
N GLY A 84 -14.07 -16.05 -2.36
CA GLY A 84 -13.72 -16.96 -1.25
C GLY A 84 -14.72 -16.90 -0.11
N TYR A 85 -14.77 -15.77 0.61
CA TYR A 85 -15.72 -15.54 1.74
C TYR A 85 -17.11 -16.12 1.42
N TYR A 86 -17.64 -15.89 0.22
CA TYR A 86 -19.01 -16.32 -0.18
C TYR A 86 -18.98 -17.65 -0.93
N ASN A 87 -17.81 -18.29 -1.00
CA ASN A 87 -17.63 -19.71 -1.39
C ASN A 87 -18.16 -19.94 -2.82
N GLN A 88 -17.95 -19.00 -3.72
CA GLN A 88 -18.53 -18.98 -5.09
C GLN A 88 -17.47 -19.44 -6.10
N SER A 89 -17.88 -20.16 -7.15
N SER A 89 -17.87 -20.16 -7.14
CA SER A 89 -16.97 -20.70 -8.20
CA SER A 89 -16.97 -20.71 -8.19
C SER A 89 -16.42 -19.56 -9.06
C SER A 89 -16.43 -19.57 -9.06
N GLU A 90 -15.35 -19.85 -9.81
CA GLU A 90 -14.63 -18.87 -10.67
C GLU A 90 -15.39 -18.72 -12.00
N ALA A 91 -16.52 -19.43 -12.19
CA ALA A 91 -17.42 -19.34 -13.38
C ALA A 91 -18.32 -18.09 -13.26
N GLY A 92 -19.01 -17.93 -12.11
CA GLY A 92 -19.77 -16.72 -11.77
C GLY A 92 -18.89 -15.48 -11.93
N SER A 93 -19.31 -14.56 -12.80
CA SER A 93 -18.79 -13.17 -12.92
C SER A 93 -19.44 -12.31 -11.85
N HIS A 94 -18.68 -11.61 -10.99
CA HIS A 94 -19.22 -10.77 -9.89
C HIS A 94 -18.83 -9.31 -10.04
N THR A 95 -19.44 -8.44 -9.22
CA THR A 95 -19.31 -6.96 -9.31
C THR A 95 -18.88 -6.40 -7.95
N LEU A 96 -17.82 -5.60 -7.93
CA LEU A 96 -17.47 -4.67 -6.84
C LEU A 96 -17.67 -3.24 -7.31
N GLN A 97 -18.39 -2.45 -6.53
CA GLN A 97 -18.60 -1.00 -6.76
C GLN A 97 -18.13 -0.26 -5.52
N TRP A 98 -17.41 0.83 -5.70
CA TRP A 98 -16.80 1.62 -4.61
C TRP A 98 -17.03 3.08 -4.88
N MET A 99 -17.50 3.80 -3.88
CA MET A 99 -17.99 5.19 -4.03
C MET A 99 -17.44 5.98 -2.85
N HIS A 100 -16.83 7.13 -3.12
CA HIS A 100 -16.29 8.05 -2.08
C HIS A 100 -16.41 9.49 -2.57
N GLY A 101 -16.84 10.38 -1.68
CA GLY A 101 -17.02 11.81 -2.00
C GLY A 101 -17.26 12.63 -0.76
N CYS A 102 -17.22 13.95 -0.92
CA CYS A 102 -17.52 14.94 0.14
C CYS A 102 -18.62 15.87 -0.37
N GLU A 103 -19.45 16.39 0.54
CA GLU A 103 -20.58 17.29 0.18
C GLU A 103 -20.45 18.57 1.02
N LEU A 104 -20.50 19.73 0.35
CA LEU A 104 -20.59 21.05 0.99
C LEU A 104 -22.05 21.49 0.93
N GLY A 105 -22.46 22.37 1.84
CA GLY A 105 -23.84 22.89 1.89
C GLY A 105 -24.01 24.16 1.05
N PRO A 106 -25.27 24.58 0.79
CA PRO A 106 -25.59 25.89 0.24
C PRO A 106 -24.74 27.04 0.80
N ASP A 107 -24.51 27.00 2.11
CA ASP A 107 -23.77 27.99 2.95
C ASP A 107 -22.27 27.72 2.91
N GLY A 108 -21.83 26.74 2.12
CA GLY A 108 -20.40 26.53 1.80
C GLY A 108 -19.66 25.61 2.77
N ARG A 109 -20.28 25.18 3.88
CA ARG A 109 -19.59 24.42 4.96
C ARG A 109 -19.78 22.91 4.76
N PHE A 110 -18.86 22.11 5.34
CA PHE A 110 -18.78 20.63 5.13
C PHE A 110 -20.03 19.98 5.73
N LEU A 111 -20.80 19.32 4.87
CA LEU A 111 -22.09 18.70 5.23
C LEU A 111 -21.81 17.26 5.62
N ARG A 112 -21.28 16.45 4.69
CA ARG A 112 -20.98 15.03 4.97
C ARG A 112 -20.02 14.48 3.91
N GLY A 113 -19.27 13.45 4.30
CA GLY A 113 -18.51 12.56 3.42
C GLY A 113 -18.92 11.12 3.62
N TYR A 114 -18.57 10.26 2.68
CA TYR A 114 -18.87 8.82 2.76
C TYR A 114 -17.99 8.04 1.79
N GLU A 115 -17.70 6.80 2.17
CA GLU A 115 -16.92 5.81 1.39
C GLU A 115 -17.73 4.52 1.46
N GLN A 116 -18.01 3.89 0.34
CA GLN A 116 -19.03 2.83 0.32
C GLN A 116 -18.64 1.73 -0.65
N CYS A 117 -18.81 0.51 -0.20
CA CYS A 117 -18.46 -0.73 -0.90
C CYS A 117 -19.75 -1.49 -1.17
N ALA A 118 -19.92 -2.05 -2.36
CA ALA A 118 -21.11 -2.86 -2.72
C ALA A 118 -20.69 -4.04 -3.57
N TYR A 119 -21.07 -5.24 -3.14
CA TYR A 119 -20.75 -6.53 -3.81
C TYR A 119 -22.03 -7.10 -4.40
N ASP A 120 -22.03 -7.29 -5.72
CA ASP A 120 -23.16 -7.86 -6.51
C ASP A 120 -24.44 -7.02 -6.34
N GLY A 121 -24.31 -5.70 -6.13
CA GLY A 121 -25.44 -4.75 -6.15
C GLY A 121 -26.01 -4.48 -4.77
N LYS A 122 -25.40 -5.01 -3.72
CA LYS A 122 -25.81 -4.84 -2.31
C LYS A 122 -24.70 -4.16 -1.52
N ASP A 123 -25.04 -3.27 -0.59
CA ASP A 123 -24.08 -2.72 0.39
C ASP A 123 -23.19 -3.85 0.92
N TYR A 124 -21.92 -3.55 1.23
CA TYR A 124 -20.94 -4.50 1.87
C TYR A 124 -20.34 -3.81 3.10
N LEU A 125 -19.23 -3.08 2.91
CA LEU A 125 -18.64 -2.18 3.91
C LEU A 125 -19.18 -0.79 3.67
N THR A 126 -19.77 -0.17 4.68
CA THR A 126 -20.26 1.22 4.64
C THR A 126 -19.60 1.99 5.78
N LEU A 127 -18.95 3.11 5.46
CA LEU A 127 -18.39 4.06 6.46
C LEU A 127 -19.52 4.89 7.06
N ASN A 128 -19.43 5.09 8.37
CA ASN A 128 -20.48 5.72 9.21
C ASN A 128 -20.25 7.24 9.21
N GLU A 129 -21.17 7.98 9.83
CA GLU A 129 -21.09 9.44 10.14
C GLU A 129 -19.68 9.78 10.64
N ASP A 130 -19.20 9.10 11.67
CA ASP A 130 -17.97 9.58 12.38
C ASP A 130 -16.75 9.51 11.44
N LEU A 131 -16.83 8.81 10.31
CA LEU A 131 -15.69 8.57 9.36
C LEU A 131 -14.56 7.80 10.08
N ARG A 132 -14.93 6.97 11.06
CA ARG A 132 -13.94 6.20 11.85
C ARG A 132 -14.41 4.74 11.98
N SER A 133 -15.72 4.50 12.10
CA SER A 133 -16.31 3.14 12.28
C SER A 133 -16.91 2.68 10.95
N TRP A 134 -17.45 1.46 10.91
CA TRP A 134 -18.17 0.94 9.70
C TRP A 134 -19.48 0.25 10.11
N THR A 135 -20.39 0.07 9.15
CA THR A 135 -21.53 -0.87 9.25
C THR A 135 -21.35 -1.90 8.12
N ALA A 136 -20.74 -3.03 8.45
CA ALA A 136 -20.63 -4.24 7.59
C ALA A 136 -21.96 -4.98 7.64
N VAL A 137 -22.46 -5.45 6.49
CA VAL A 137 -23.85 -5.97 6.36
C VAL A 137 -23.91 -7.44 6.80
N ASP A 138 -22.77 -8.10 6.97
CA ASP A 138 -22.64 -9.56 6.74
C ASP A 138 -21.58 -10.16 7.67
N THR A 139 -21.70 -11.45 7.98
CA THR A 139 -20.68 -12.25 8.68
C THR A 139 -19.35 -12.12 7.92
N ALA A 140 -19.41 -12.18 6.58
CA ALA A 140 -18.26 -12.09 5.63
C ALA A 140 -17.67 -10.67 5.61
N ALA A 141 -18.52 -9.67 5.39
CA ALA A 141 -18.17 -8.24 5.51
C ALA A 141 -17.48 -7.99 6.87
N GLN A 142 -18.03 -8.50 7.96
CA GLN A 142 -17.50 -8.30 9.33
C GLN A 142 -15.99 -8.56 9.34
N ILE A 143 -15.53 -9.59 8.60
CA ILE A 143 -14.08 -9.89 8.44
C ILE A 143 -13.40 -8.64 7.87
N SER A 144 -13.94 -8.09 6.77
CA SER A 144 -13.37 -6.95 6.04
C SER A 144 -13.48 -5.66 6.86
N GLU A 145 -14.47 -5.58 7.74
CA GLU A 145 -14.59 -4.44 8.70
C GLU A 145 -13.32 -4.42 9.55
N GLN A 146 -13.12 -5.49 10.31
CA GLN A 146 -12.01 -5.71 11.28
C GLN A 146 -10.66 -5.44 10.59
N LYS A 147 -10.56 -5.62 9.26
CA LYS A 147 -9.32 -5.38 8.45
C LYS A 147 -9.21 -3.92 8.00
N SER A 148 -10.28 -3.14 8.09
CA SER A 148 -10.32 -1.72 7.63
C SER A 148 -10.32 -0.75 8.83
N ASN A 149 -10.53 -1.25 10.06
CA ASN A 149 -10.64 -0.45 11.31
C ASN A 149 -9.34 0.30 11.59
N ASP A 150 -8.19 -0.37 11.43
CA ASP A 150 -6.84 0.17 11.80
C ASP A 150 -6.64 1.49 11.03
N ALA A 151 -6.80 1.45 9.71
CA ALA A 151 -6.60 2.61 8.81
C ALA A 151 -7.52 3.77 9.23
N SER A 152 -8.83 3.52 9.36
CA SER A 152 -9.83 4.55 9.75
C SER A 152 -9.72 4.98 11.23
N GLU A 153 -9.13 4.17 12.14
CA GLU A 153 -8.69 4.65 13.49
C GLU A 153 -7.75 5.85 13.25
N ALA A 154 -6.70 5.62 12.44
CA ALA A 154 -5.63 6.59 12.02
C ALA A 154 -6.20 7.66 11.07
N GLU A 155 -7.52 7.68 10.89
CA GLU A 155 -8.26 8.77 10.19
C GLU A 155 -7.77 8.86 8.74
N HIS A 156 -7.54 7.71 8.11
CA HIS A 156 -7.19 7.65 6.66
C HIS A 156 -8.35 8.25 5.87
N GLN A 157 -9.54 7.66 5.99
CA GLN A 157 -10.77 8.11 5.29
C GLN A 157 -11.18 9.49 5.80
N ARG A 158 -11.13 9.71 7.12
CA ARG A 158 -11.51 11.01 7.75
C ARG A 158 -10.80 12.16 7.04
N ALA A 159 -9.47 12.17 7.04
CA ALA A 159 -8.64 13.30 6.55
C ALA A 159 -8.85 13.50 5.04
N TYR A 160 -9.05 12.43 4.28
CA TYR A 160 -9.28 12.54 2.82
C TYR A 160 -10.58 13.31 2.60
N LEU A 161 -11.65 12.90 3.28
CA LEU A 161 -13.03 13.39 3.09
C LEU A 161 -13.18 14.83 3.61
N GLU A 162 -12.88 15.08 4.89
CA GLU A 162 -13.13 16.39 5.56
C GLU A 162 -12.16 17.46 5.04
N ASP A 163 -11.01 17.08 4.47
CA ASP A 163 -9.93 18.06 4.14
C ASP A 163 -9.51 17.92 2.68
N THR A 164 -8.89 16.80 2.29
CA THR A 164 -8.31 16.62 0.93
C THR A 164 -9.37 16.86 -0.14
N CYS A 165 -10.45 16.10 -0.06
CA CYS A 165 -11.61 16.14 -0.98
C CYS A 165 -12.12 17.59 -1.12
N VAL A 166 -12.45 18.22 0.01
CA VAL A 166 -12.93 19.63 0.08
C VAL A 166 -11.92 20.56 -0.59
N GLU A 167 -10.62 20.37 -0.34
CA GLU A 167 -9.53 21.23 -0.87
C GLU A 167 -9.53 21.21 -2.40
N TRP A 168 -9.69 20.02 -2.97
CA TRP A 168 -9.62 19.77 -4.43
C TRP A 168 -10.95 20.14 -5.08
N LEU A 169 -12.06 19.92 -4.37
CA LEU A 169 -13.40 20.41 -4.79
C LEU A 169 -13.31 21.92 -5.04
N HIS A 170 -12.71 22.68 -4.13
CA HIS A 170 -12.55 24.16 -4.26
C HIS A 170 -11.69 24.46 -5.49
N LYS A 171 -10.60 23.72 -5.69
CA LYS A 171 -9.69 23.90 -6.85
C LYS A 171 -10.50 23.73 -8.13
N TYR A 172 -11.13 22.57 -8.33
CA TYR A 172 -11.81 22.20 -9.60
C TYR A 172 -12.88 23.25 -9.93
N LEU A 173 -13.64 23.72 -8.94
CA LEU A 173 -14.70 24.74 -9.12
C LEU A 173 -14.03 25.99 -9.70
N GLU A 174 -12.90 26.40 -9.14
CA GLU A 174 -12.17 27.60 -9.63
C GLU A 174 -11.65 27.32 -11.06
N LYS A 175 -11.09 26.13 -11.31
CA LYS A 175 -10.53 25.74 -12.63
C LYS A 175 -11.61 25.99 -13.70
N GLY A 176 -12.80 25.42 -13.53
CA GLY A 176 -13.87 25.38 -14.54
C GLY A 176 -15.07 26.27 -14.24
N LYS A 177 -14.92 27.33 -13.45
CA LYS A 177 -16.02 28.19 -12.93
C LYS A 177 -16.91 28.74 -14.08
N GLU A 178 -16.30 29.05 -15.23
CA GLU A 178 -16.98 29.47 -16.49
C GLU A 178 -18.27 28.65 -16.66
N THR A 179 -18.23 27.34 -16.40
CA THR A 179 -19.34 26.40 -16.69
C THR A 179 -19.91 25.84 -15.38
N LEU A 180 -19.07 25.55 -14.38
CA LEU A 180 -19.44 24.79 -13.17
C LEU A 180 -20.31 25.65 -12.23
N LEU A 181 -20.10 26.98 -12.26
CA LEU A 181 -20.70 27.98 -11.33
C LEU A 181 -21.58 28.97 -12.13
N HIS A 182 -21.71 28.78 -13.44
CA HIS A 182 -22.73 29.44 -14.28
C HIS A 182 -24.06 28.74 -14.04
N LEU A 183 -25.03 29.49 -13.54
CA LEU A 183 -26.41 29.02 -13.33
C LEU A 183 -27.18 29.23 -14.64
N GLU A 184 -27.18 28.22 -15.52
CA GLU A 184 -28.02 28.19 -16.76
C GLU A 184 -29.41 27.70 -16.36
N PRO A 185 -30.46 28.56 -16.45
CA PRO A 185 -31.81 28.19 -16.03
C PRO A 185 -32.58 27.42 -17.11
N PRO A 186 -33.74 26.83 -16.76
CA PRO A 186 -34.55 26.13 -17.74
C PRO A 186 -35.23 27.07 -18.74
N LYS A 187 -35.17 26.72 -20.03
CA LYS A 187 -36.16 27.11 -21.03
C LYS A 187 -37.39 26.23 -20.79
N THR A 188 -38.54 26.87 -20.52
CA THR A 188 -39.82 26.27 -20.05
C THR A 188 -40.96 26.61 -21.02
N HIS A 189 -41.63 25.60 -21.57
CA HIS A 189 -42.85 25.73 -22.43
C HIS A 189 -43.86 24.62 -22.05
N VAL A 190 -45.16 24.92 -22.15
CA VAL A 190 -46.24 23.91 -21.92
C VAL A 190 -46.76 23.48 -23.29
N THR A 191 -46.93 22.18 -23.51
CA THR A 191 -47.49 21.63 -24.76
C THR A 191 -48.85 21.03 -24.43
N HIS A 192 -49.73 21.01 -25.42
CA HIS A 192 -51.13 20.51 -25.30
C HIS A 192 -51.30 19.32 -26.26
N HIS A 193 -51.81 18.20 -25.74
CA HIS A 193 -52.04 16.93 -26.48
C HIS A 193 -53.45 16.43 -26.18
N PRO A 194 -54.44 16.66 -27.06
CA PRO A 194 -55.80 16.18 -26.82
C PRO A 194 -55.84 14.65 -26.84
N ILE A 195 -56.55 14.05 -25.88
CA ILE A 195 -56.71 12.57 -25.74
C ILE A 195 -58.02 12.15 -26.40
N SER A 196 -59.06 12.94 -26.15
CA SER A 196 -60.44 12.72 -26.65
C SER A 196 -61.14 14.07 -26.67
N ASP A 197 -62.48 14.08 -26.65
CA ASP A 197 -63.28 15.32 -26.60
C ASP A 197 -63.42 15.71 -25.12
N HIS A 198 -63.24 14.73 -24.24
CA HIS A 198 -63.47 14.87 -22.78
C HIS A 198 -62.18 15.27 -22.08
N GLU A 199 -61.03 15.18 -22.75
CA GLU A 199 -59.71 15.27 -22.08
C GLU A 199 -58.62 15.74 -23.02
N ALA A 200 -57.49 16.12 -22.43
CA ALA A 200 -56.20 16.48 -23.07
C ALA A 200 -55.10 16.36 -22.02
N THR A 201 -53.88 15.97 -22.42
CA THR A 201 -52.66 15.96 -21.59
C THR A 201 -52.00 17.34 -21.71
N LEU A 202 -51.73 17.98 -20.56
CA LEU A 202 -50.89 19.20 -20.45
C LEU A 202 -49.51 18.75 -20.02
N ARG A 203 -48.47 19.04 -20.80
CA ARG A 203 -47.06 18.65 -20.47
C ARG A 203 -46.20 19.90 -20.31
N CYS A 204 -45.58 20.04 -19.14
CA CYS A 204 -44.74 21.20 -18.73
C CYS A 204 -43.26 20.84 -18.84
N TRP A 205 -42.56 21.41 -19.84
CA TRP A 205 -41.13 21.19 -20.16
C TRP A 205 -40.23 22.19 -19.42
N ALA A 206 -39.15 21.70 -18.85
CA ALA A 206 -37.92 22.44 -18.48
C ALA A 206 -36.77 21.84 -19.31
N LEU A 207 -35.96 22.70 -19.95
CA LEU A 207 -34.95 22.28 -20.96
C LEU A 207 -33.66 23.08 -20.85
N GLY A 208 -32.50 22.39 -20.94
CA GLY A 208 -31.17 23.00 -21.09
C GLY A 208 -30.73 23.79 -19.85
N PHE A 209 -30.95 23.23 -18.66
CA PHE A 209 -30.62 23.81 -17.34
C PHE A 209 -29.47 23.04 -16.65
N TYR A 210 -28.66 23.75 -15.85
CA TYR A 210 -27.65 23.21 -14.93
C TYR A 210 -27.56 24.16 -13.74
N PRO A 211 -27.35 23.66 -12.49
CA PRO A 211 -27.25 22.23 -12.19
C PRO A 211 -28.58 21.48 -12.30
N ALA A 212 -28.57 20.16 -12.12
CA ALA A 212 -29.70 19.25 -12.44
C ALA A 212 -30.85 19.38 -11.42
N GLU A 213 -30.67 20.13 -10.32
CA GLU A 213 -31.70 20.27 -9.25
C GLU A 213 -32.84 21.15 -9.77
N ILE A 214 -34.08 20.69 -9.62
CA ILE A 214 -35.27 21.31 -10.22
C ILE A 214 -36.53 20.73 -9.58
N THR A 215 -37.60 21.52 -9.59
CA THR A 215 -38.94 21.22 -9.05
C THR A 215 -39.99 21.65 -10.08
N LEU A 216 -40.59 20.69 -10.78
CA LEU A 216 -41.79 20.94 -11.64
C LEU A 216 -43.03 20.45 -10.89
N THR A 217 -43.89 21.38 -10.48
CA THR A 217 -45.16 21.07 -9.77
C THR A 217 -46.30 21.73 -10.58
N TRP A 218 -47.36 20.95 -10.87
CA TRP A 218 -48.62 21.45 -11.49
C TRP A 218 -49.60 21.86 -10.40
N GLN A 219 -50.27 22.99 -10.61
CA GLN A 219 -51.32 23.47 -9.69
C GLN A 219 -52.58 23.78 -10.51
N GLN A 220 -53.76 23.65 -9.91
CA GLN A 220 -55.08 23.96 -10.53
C GLN A 220 -55.90 24.88 -9.61
N ASP A 221 -56.45 25.96 -10.17
CA ASP A 221 -57.26 26.98 -9.45
C ASP A 221 -58.65 26.41 -9.13
N GLY A 222 -59.20 26.76 -7.99
CA GLY A 222 -60.51 26.27 -7.53
C GLY A 222 -60.37 24.95 -6.83
N GLU A 223 -61.50 24.34 -6.47
CA GLU A 223 -61.59 23.23 -5.48
C GLU A 223 -61.60 21.85 -6.17
N GLY A 224 -61.83 21.79 -7.48
CA GLY A 224 -62.06 20.53 -8.21
C GLY A 224 -60.99 19.47 -7.95
N HIS A 225 -61.17 18.27 -8.48
CA HIS A 225 -60.20 17.15 -8.45
C HIS A 225 -58.99 17.53 -9.32
N THR A 226 -57.88 16.80 -9.17
CA THR A 226 -56.60 17.00 -9.92
C THR A 226 -55.87 15.66 -10.09
N GLN A 227 -55.80 15.13 -11.31
CA GLN A 227 -55.26 13.76 -11.54
C GLN A 227 -53.74 13.80 -11.32
N ASP A 228 -53.17 12.75 -10.75
CA ASP A 228 -51.70 12.57 -10.51
C ASP A 228 -50.86 13.18 -11.66
N THR A 229 -49.74 13.82 -11.37
CA THR A 229 -48.72 14.17 -12.38
C THR A 229 -47.89 12.93 -12.72
N GLU A 230 -47.68 12.65 -14.00
CA GLU A 230 -46.55 11.79 -14.45
C GLU A 230 -45.32 12.69 -14.52
N LEU A 231 -44.36 12.48 -13.62
CA LEU A 231 -43.09 13.25 -13.53
C LEU A 231 -41.96 12.34 -14.02
N VAL A 232 -41.43 12.60 -15.21
CA VAL A 232 -40.33 11.80 -15.83
C VAL A 232 -39.04 12.17 -15.08
N GLU A 233 -38.09 11.25 -14.91
CA GLU A 233 -36.91 11.49 -14.03
C GLU A 233 -35.85 12.27 -14.81
N THR A 234 -35.25 13.28 -14.15
CA THR A 234 -34.29 14.26 -14.74
C THR A 234 -33.32 13.47 -15.61
N ARG A 235 -33.00 13.98 -16.79
CA ARG A 235 -32.23 13.24 -17.81
C ARG A 235 -31.30 14.19 -18.53
N PRO A 236 -30.10 13.73 -18.91
CA PRO A 236 -29.13 14.59 -19.58
C PRO A 236 -29.51 14.83 -21.04
N ALA A 237 -29.31 16.04 -21.49
CA ALA A 237 -29.46 16.43 -22.90
C ALA A 237 -28.33 15.78 -23.70
N GLY A 238 -27.14 15.62 -23.10
CA GLY A 238 -25.92 15.16 -23.79
C GLY A 238 -24.91 16.27 -23.99
N ASP A 239 -25.24 17.52 -23.61
CA ASP A 239 -24.34 18.70 -23.67
C ASP A 239 -24.12 19.26 -22.27
N GLY A 240 -24.38 18.45 -21.24
CA GLY A 240 -24.09 18.76 -19.83
C GLY A 240 -25.24 19.50 -19.18
N THR A 241 -26.22 19.92 -19.97
CA THR A 241 -27.52 20.46 -19.46
C THR A 241 -28.49 19.29 -19.28
N PHE A 242 -29.54 19.50 -18.49
CA PHE A 242 -30.58 18.48 -18.17
C PHE A 242 -31.96 18.86 -18.75
N GLN A 243 -32.88 17.89 -18.67
CA GLN A 243 -34.30 17.98 -19.09
C GLN A 243 -35.15 17.27 -18.05
N LYS A 244 -36.35 17.80 -17.80
CA LYS A 244 -37.44 17.12 -17.07
C LYS A 244 -38.74 17.63 -17.67
N TRP A 245 -39.80 16.83 -17.65
CA TRP A 245 -41.18 17.33 -17.84
C TRP A 245 -42.14 16.78 -16.77
N ALA A 246 -43.28 17.44 -16.60
CA ALA A 246 -44.42 17.03 -15.74
C ALA A 246 -45.71 17.09 -16.56
N ALA A 247 -46.54 16.04 -16.54
CA ALA A 247 -47.74 15.94 -17.40
C ALA A 247 -48.98 15.61 -16.57
N VAL A 248 -50.08 16.33 -16.83
CA VAL A 248 -51.41 16.16 -16.18
C VAL A 248 -52.46 15.87 -17.25
N VAL A 249 -53.31 14.88 -17.00
CA VAL A 249 -54.55 14.66 -17.80
C VAL A 249 -55.64 15.50 -17.15
N VAL A 250 -56.21 16.43 -17.91
CA VAL A 250 -57.21 17.44 -17.45
C VAL A 250 -58.46 17.35 -18.32
N PRO A 251 -59.67 17.59 -17.78
CA PRO A 251 -60.85 17.71 -18.64
C PRO A 251 -60.74 18.85 -19.68
N SER A 252 -61.36 18.66 -20.85
CA SER A 252 -61.35 19.62 -21.99
C SER A 252 -62.07 20.92 -21.61
N GLY A 253 -61.42 22.07 -21.85
CA GLY A 253 -61.93 23.41 -21.49
C GLY A 253 -61.37 23.91 -20.17
N GLU A 254 -61.36 23.04 -19.16
CA GLU A 254 -60.73 23.28 -17.83
C GLU A 254 -59.23 23.64 -17.95
N GLU A 255 -58.66 23.63 -19.18
CA GLU A 255 -57.19 23.58 -19.45
C GLU A 255 -56.52 24.87 -18.95
N GLN A 256 -57.18 26.03 -19.13
CA GLN A 256 -56.66 27.37 -18.75
C GLN A 256 -56.56 27.52 -17.22
N ARG A 257 -57.14 26.62 -16.43
CA ARG A 257 -57.14 26.70 -14.94
C ARG A 257 -55.86 26.08 -14.34
N TYR A 258 -55.09 25.38 -15.17
CA TYR A 258 -53.85 24.66 -14.78
C TYR A 258 -52.64 25.55 -15.04
N THR A 259 -51.83 25.72 -13.99
CA THR A 259 -50.59 26.54 -13.95
C THR A 259 -49.41 25.68 -13.45
N CYS A 260 -48.28 25.71 -14.20
CA CYS A 260 -47.06 24.88 -13.95
C CYS A 260 -45.92 25.72 -13.37
N HIS A 261 -45.48 25.40 -12.14
CA HIS A 261 -44.41 26.11 -11.37
C HIS A 261 -43.09 25.34 -11.50
N VAL A 262 -41.99 26.11 -11.61
CA VAL A 262 -40.57 25.66 -11.84
C VAL A 262 -39.70 26.45 -10.86
N GLN A 263 -39.05 25.77 -9.90
CA GLN A 263 -37.94 26.35 -9.06
C GLN A 263 -36.58 25.82 -9.53
N HIS A 264 -35.57 26.69 -9.58
CA HIS A 264 -34.17 26.39 -10.02
C HIS A 264 -33.30 27.62 -9.75
N GLU A 265 -32.09 27.42 -9.25
CA GLU A 265 -31.17 28.52 -8.88
C GLU A 265 -31.06 29.59 -9.98
N GLY A 266 -30.93 29.17 -11.24
CA GLY A 266 -30.73 30.06 -12.41
C GLY A 266 -31.89 31.03 -12.64
N LEU A 267 -33.09 30.69 -12.14
CA LEU A 267 -34.28 31.57 -12.16
C LEU A 267 -34.21 32.55 -10.99
N PRO A 268 -34.24 33.88 -11.23
CA PRO A 268 -34.39 34.85 -10.14
C PRO A 268 -35.56 34.44 -9.22
N GLU A 269 -36.81 34.57 -9.69
CA GLU A 269 -38.04 34.10 -8.99
C GLU A 269 -38.63 32.92 -9.76
N PRO A 270 -39.36 31.99 -9.09
CA PRO A 270 -39.83 30.77 -9.74
C PRO A 270 -40.89 31.21 -10.75
N VAL A 271 -40.95 30.55 -11.89
CA VAL A 271 -41.89 30.89 -12.99
C VAL A 271 -43.16 30.04 -12.89
N THR A 272 -44.28 30.60 -13.34
CA THR A 272 -45.55 29.88 -13.63
C THR A 272 -45.79 29.94 -15.14
N LEU A 273 -46.23 28.84 -15.73
CA LEU A 273 -46.72 28.78 -17.13
C LEU A 273 -48.14 28.25 -17.11
N ARG A 274 -48.87 28.47 -18.20
CA ARG A 274 -50.17 27.80 -18.49
C ARG A 274 -50.27 27.66 -20.00
N TRP A 275 -50.91 26.60 -20.51
CA TRP A 275 -50.93 26.37 -21.99
C TRP A 275 -51.52 27.61 -22.65
N LYS A 276 -50.75 28.24 -23.54
CA LYS A 276 -51.13 29.46 -24.30
C LYS A 276 -51.66 29.01 -25.67
N PRO A 277 -53.00 29.06 -25.92
CA PRO A 277 -53.60 28.49 -27.13
C PRO A 277 -53.02 29.08 -28.43
N MET B 1 -27.57 -12.45 -5.48
CA MET B 1 -27.08 -11.38 -6.37
C MET B 1 -28.26 -10.53 -6.82
N ILE B 2 -28.02 -9.24 -7.09
CA ILE B 2 -29.07 -8.28 -7.54
C ILE B 2 -29.07 -8.22 -9.06
N GLN B 3 -30.25 -8.46 -9.66
CA GLN B 3 -30.59 -8.14 -11.07
C GLN B 3 -31.79 -7.18 -11.08
N ARG B 4 -31.53 -5.87 -11.18
CA ARG B 4 -32.55 -4.81 -11.36
C ARG B 4 -32.71 -4.57 -12.87
N THR B 5 -33.95 -4.54 -13.38
CA THR B 5 -34.32 -4.35 -14.81
C THR B 5 -34.12 -2.88 -15.21
N PRO B 6 -33.62 -2.57 -16.43
CA PRO B 6 -33.32 -1.20 -16.82
C PRO B 6 -34.56 -0.32 -17.00
N LYS B 7 -34.36 0.99 -16.83
CA LYS B 7 -35.32 2.07 -17.11
C LYS B 7 -34.80 2.88 -18.30
N ILE B 8 -35.57 2.85 -19.38
CA ILE B 8 -35.25 3.43 -20.70
C ILE B 8 -36.02 4.76 -20.86
N GLN B 9 -35.36 5.79 -21.33
CA GLN B 9 -36.00 7.07 -21.74
C GLN B 9 -35.37 7.44 -23.08
N VAL B 10 -36.15 7.45 -24.16
CA VAL B 10 -35.72 7.95 -25.49
C VAL B 10 -36.24 9.37 -25.62
N TYR B 11 -35.48 10.25 -26.28
CA TYR B 11 -35.79 11.69 -26.43
C TYR B 11 -34.71 12.33 -27.29
N SER B 12 -34.90 13.59 -27.70
CA SER B 12 -33.90 14.36 -28.47
C SER B 12 -33.34 15.46 -27.58
N ARG B 13 -32.13 15.95 -27.88
CA ARG B 13 -31.41 17.01 -27.12
C ARG B 13 -32.25 18.29 -27.08
N HIS B 14 -32.70 18.72 -28.26
CA HIS B 14 -33.49 19.96 -28.49
C HIS B 14 -34.87 19.59 -29.02
N PRO B 15 -35.87 20.49 -28.89
CA PRO B 15 -37.21 20.26 -29.46
C PRO B 15 -37.17 19.89 -30.94
N ALA B 16 -37.68 18.72 -31.30
CA ALA B 16 -37.58 18.11 -32.65
C ALA B 16 -38.28 19.01 -33.70
N GLU B 17 -37.47 19.81 -34.41
CA GLU B 17 -37.87 20.52 -35.65
C GLU B 17 -37.46 19.68 -36.85
N ASN B 18 -38.40 19.33 -37.72
CA ASN B 18 -38.11 18.49 -38.91
C ASN B 18 -37.06 19.22 -39.77
N GLY B 19 -36.01 18.52 -40.20
CA GLY B 19 -35.02 19.01 -41.18
C GLY B 19 -33.80 19.68 -40.55
N LYS B 20 -33.73 19.75 -39.22
CA LYS B 20 -32.58 20.37 -38.50
C LYS B 20 -31.79 19.30 -37.74
N SER B 21 -30.46 19.29 -37.89
CA SER B 21 -29.55 18.40 -37.13
C SER B 21 -29.93 18.53 -35.65
N ASN B 22 -30.06 17.39 -34.99
CA ASN B 22 -30.38 17.26 -33.55
C ASN B 22 -29.57 16.04 -33.09
N PHE B 23 -29.87 15.52 -31.89
CA PHE B 23 -29.18 14.39 -31.24
C PHE B 23 -30.24 13.47 -30.63
N LEU B 24 -30.10 12.17 -30.86
CA LEU B 24 -31.05 11.14 -30.36
C LEU B 24 -30.40 10.43 -29.17
N ASN B 25 -30.91 10.71 -27.97
CA ASN B 25 -30.47 10.12 -26.69
C ASN B 25 -31.33 8.91 -26.36
N CYS B 26 -30.69 7.83 -25.94
CA CYS B 26 -31.31 6.75 -25.13
C CYS B 26 -30.62 6.72 -23.78
N TYR B 27 -31.39 6.68 -22.70
CA TYR B 27 -30.88 6.81 -21.32
C TYR B 27 -31.36 5.59 -20.52
N VAL B 28 -30.52 4.55 -20.45
CA VAL B 28 -30.79 3.36 -19.60
C VAL B 28 -30.25 3.64 -18.18
N SER B 29 -31.06 3.34 -17.17
CA SER B 29 -30.83 3.66 -15.73
C SER B 29 -31.43 2.52 -14.89
N GLY B 30 -31.04 2.39 -13.62
CA GLY B 30 -31.72 1.54 -12.64
C GLY B 30 -31.43 0.06 -12.83
N PHE B 31 -30.38 -0.29 -13.58
CA PHE B 31 -30.07 -1.69 -14.00
C PHE B 31 -28.83 -2.24 -13.26
N HIS B 32 -28.73 -3.57 -13.23
CA HIS B 32 -27.68 -4.37 -12.53
C HIS B 32 -27.82 -5.83 -12.94
N PRO B 33 -26.74 -6.55 -13.30
CA PRO B 33 -25.39 -6.00 -13.39
C PRO B 33 -25.08 -5.17 -14.64
N SER B 34 -23.84 -4.69 -14.77
CA SER B 34 -23.38 -3.64 -15.70
C SER B 34 -23.51 -4.04 -17.17
N ASP B 35 -23.43 -5.33 -17.53
CA ASP B 35 -23.36 -5.75 -18.95
C ASP B 35 -24.74 -5.53 -19.60
N ILE B 36 -24.81 -4.62 -20.59
CA ILE B 36 -26.07 -4.18 -21.27
C ILE B 36 -25.83 -3.89 -22.76
N GLU B 37 -26.76 -4.33 -23.61
CA GLU B 37 -26.75 -4.14 -25.09
C GLU B 37 -27.76 -3.03 -25.43
N VAL B 38 -27.31 -1.99 -26.13
CA VAL B 38 -28.16 -0.81 -26.49
C VAL B 38 -27.79 -0.31 -27.89
N ASP B 39 -28.65 -0.62 -28.87
CA ASP B 39 -28.58 -0.11 -30.27
C ASP B 39 -29.66 0.96 -30.46
N LEU B 40 -29.40 1.94 -31.31
CA LEU B 40 -30.40 2.95 -31.73
C LEU B 40 -30.85 2.63 -33.16
N LEU B 41 -32.16 2.68 -33.40
CA LEU B 41 -32.81 2.22 -34.65
C LEU B 41 -33.29 3.41 -35.47
N LYS B 42 -33.06 3.35 -36.80
CA LYS B 42 -33.76 4.17 -37.82
C LYS B 42 -34.55 3.25 -38.77
N ASN B 43 -35.88 3.29 -38.66
CA ASN B 43 -36.86 2.57 -39.52
C ASN B 43 -36.66 1.07 -39.27
N GLY B 44 -36.28 0.71 -38.04
CA GLY B 44 -36.10 -0.68 -37.60
C GLY B 44 -34.69 -1.18 -37.82
N GLU B 45 -33.91 -0.48 -38.65
CA GLU B 45 -32.47 -0.78 -38.94
C GLU B 45 -31.60 -0.22 -37.82
N ARG B 46 -30.47 -0.87 -37.55
CA ARG B 46 -29.44 -0.48 -36.54
C ARG B 46 -28.65 0.73 -37.06
N ILE B 47 -28.52 1.79 -36.26
CA ILE B 47 -27.59 2.93 -36.53
C ILE B 47 -26.18 2.55 -36.08
N GLU B 48 -25.18 2.87 -36.92
CA GLU B 48 -23.80 2.36 -36.78
C GLU B 48 -23.00 3.28 -35.86
N LYS B 49 -23.00 4.59 -36.10
CA LYS B 49 -22.16 5.55 -35.34
C LYS B 49 -22.90 5.96 -34.06
N VAL B 50 -23.00 5.06 -33.06
CA VAL B 50 -23.73 5.31 -31.78
C VAL B 50 -22.69 5.37 -30.64
N GLU B 51 -22.46 6.55 -30.07
CA GLU B 51 -21.54 6.76 -28.93
C GLU B 51 -22.27 6.46 -27.63
N HIS B 52 -21.54 6.25 -26.53
CA HIS B 52 -22.08 6.13 -25.16
C HIS B 52 -21.13 6.81 -24.15
N SER B 53 -21.70 7.27 -23.04
CA SER B 53 -21.00 7.89 -21.90
C SER B 53 -20.21 6.80 -21.16
N ASP B 54 -19.40 7.21 -20.18
CA ASP B 54 -18.58 6.34 -19.30
C ASP B 54 -19.47 5.73 -18.21
N LEU B 55 -19.40 4.42 -18.02
CA LEU B 55 -20.24 3.70 -17.03
C LEU B 55 -20.08 4.40 -15.68
N SER B 56 -21.17 4.87 -15.11
CA SER B 56 -21.22 5.45 -13.76
C SER B 56 -22.26 4.66 -12.99
N PHE B 57 -22.71 5.14 -11.82
CA PHE B 57 -23.89 4.58 -11.12
C PHE B 57 -24.46 5.57 -10.09
N SER B 58 -25.59 5.15 -9.51
CA SER B 58 -26.45 5.98 -8.64
C SER B 58 -26.32 5.54 -7.19
N LYS B 59 -26.85 6.37 -6.29
CA LYS B 59 -26.88 6.17 -4.83
C LYS B 59 -27.26 4.73 -4.50
N ASP B 60 -28.14 4.11 -5.28
CA ASP B 60 -28.72 2.78 -4.94
C ASP B 60 -27.85 1.66 -5.50
N TRP B 61 -26.76 2.02 -6.19
CA TRP B 61 -25.78 1.10 -6.86
C TRP B 61 -26.24 0.75 -8.28
N SER B 62 -27.33 1.35 -8.77
CA SER B 62 -27.85 1.15 -10.15
C SER B 62 -26.98 1.91 -11.16
N PHE B 63 -26.56 1.20 -12.21
CA PHE B 63 -25.76 1.72 -13.35
C PHE B 63 -26.63 2.64 -14.22
N TYR B 64 -25.98 3.48 -15.02
CA TYR B 64 -26.65 4.37 -15.99
C TYR B 64 -25.64 4.79 -17.06
N LEU B 65 -26.04 4.60 -18.31
CA LEU B 65 -25.29 5.08 -19.49
C LEU B 65 -26.20 5.99 -20.31
N LEU B 66 -25.62 6.87 -21.13
CA LEU B 66 -26.37 7.64 -22.16
C LEU B 66 -25.83 7.29 -23.55
N TYR B 67 -26.56 6.45 -24.30
CA TYR B 67 -26.32 6.17 -25.75
C TYR B 67 -26.92 7.33 -26.54
N TYR B 68 -26.13 8.01 -27.37
CA TYR B 68 -26.52 9.21 -28.16
C TYR B 68 -26.00 9.08 -29.59
N THR B 69 -26.58 9.85 -30.52
CA THR B 69 -26.16 9.97 -31.94
C THR B 69 -26.83 11.19 -32.58
N GLU B 70 -26.10 11.91 -33.43
CA GLU B 70 -26.68 12.96 -34.30
C GLU B 70 -27.65 12.29 -35.27
N PHE B 71 -28.83 12.88 -35.44
CA PHE B 71 -29.87 12.46 -36.39
C PHE B 71 -30.58 13.71 -36.90
N THR B 72 -31.24 13.65 -38.05
CA THR B 72 -32.11 14.73 -38.58
C THR B 72 -33.54 14.21 -38.65
N PRO B 73 -34.43 14.62 -37.71
CA PRO B 73 -35.77 14.04 -37.66
C PRO B 73 -36.60 14.52 -38.86
N THR B 74 -37.51 13.65 -39.31
CA THR B 74 -38.42 13.84 -40.47
C THR B 74 -39.82 13.35 -40.08
N GLU B 75 -40.86 14.04 -40.56
CA GLU B 75 -42.31 13.67 -40.42
C GLU B 75 -42.44 12.14 -40.35
N LYS B 76 -42.00 11.45 -41.41
CA LYS B 76 -42.35 10.04 -41.72
C LYS B 76 -41.21 9.07 -41.41
N ASP B 77 -40.22 9.43 -40.56
CA ASP B 77 -39.05 8.56 -40.20
C ASP B 77 -39.18 8.09 -38.74
N GLU B 78 -39.40 6.79 -38.55
CA GLU B 78 -39.50 6.12 -37.23
C GLU B 78 -38.12 6.07 -36.52
N TYR B 79 -38.03 6.47 -35.23
CA TYR B 79 -36.83 6.22 -34.38
C TYR B 79 -37.26 5.56 -33.05
N ALA B 80 -36.32 4.84 -32.43
CA ALA B 80 -36.54 3.96 -31.25
C ALA B 80 -35.22 3.43 -30.72
N CYS B 81 -35.23 2.89 -29.50
CA CYS B 81 -34.01 2.43 -28.79
C CYS B 81 -34.20 0.95 -28.45
N ARG B 82 -33.27 0.08 -28.83
CA ARG B 82 -33.38 -1.36 -28.45
C ARG B 82 -32.43 -1.65 -27.30
N VAL B 83 -32.92 -2.28 -26.22
CA VAL B 83 -32.13 -2.61 -24.99
C VAL B 83 -32.39 -4.06 -24.63
N ASN B 84 -31.32 -4.86 -24.49
CA ASN B 84 -31.34 -6.24 -23.94
C ASN B 84 -30.39 -6.31 -22.74
N HIS B 85 -30.72 -7.15 -21.77
CA HIS B 85 -30.11 -7.21 -20.42
C HIS B 85 -30.60 -8.51 -19.81
N VAL B 86 -29.77 -9.17 -18.99
CA VAL B 86 -30.04 -10.58 -18.55
C VAL B 86 -31.49 -10.64 -18.04
N THR B 87 -31.97 -9.47 -17.64
CA THR B 87 -33.16 -9.27 -16.78
C THR B 87 -34.42 -9.16 -17.67
N LEU B 88 -34.24 -9.04 -18.99
CA LEU B 88 -35.31 -8.91 -20.01
C LEU B 88 -35.44 -10.23 -20.78
N SER B 89 -36.68 -10.67 -20.98
CA SER B 89 -37.03 -11.95 -21.64
C SER B 89 -36.83 -11.82 -23.15
N GLN B 90 -36.83 -10.60 -23.68
CA GLN B 90 -36.51 -10.36 -25.10
C GLN B 90 -36.11 -8.90 -25.29
N PRO B 91 -35.46 -8.55 -26.43
CA PRO B 91 -34.94 -7.21 -26.61
C PRO B 91 -36.13 -6.24 -26.56
N LYS B 92 -36.09 -5.25 -25.68
CA LYS B 92 -37.21 -4.30 -25.45
C LYS B 92 -36.94 -3.01 -26.24
N ILE B 93 -37.77 -2.76 -27.26
CA ILE B 93 -37.74 -1.54 -28.14
C ILE B 93 -38.68 -0.50 -27.54
N VAL B 94 -38.27 0.77 -27.53
CA VAL B 94 -39.08 1.93 -27.04
C VAL B 94 -39.03 2.94 -28.18
N LYS B 95 -40.18 3.25 -28.80
CA LYS B 95 -40.26 4.20 -29.93
C LYS B 95 -39.98 5.62 -29.40
N TRP B 96 -39.25 6.41 -30.18
CA TRP B 96 -39.04 7.86 -29.92
C TRP B 96 -40.36 8.56 -30.17
N ASP B 97 -40.66 9.55 -29.34
CA ASP B 97 -41.88 10.37 -29.45
C ASP B 97 -41.46 11.81 -29.18
N ARG B 98 -41.61 12.71 -30.16
CA ARG B 98 -41.02 14.08 -30.09
C ARG B 98 -41.74 14.90 -29.01
N ASP B 99 -42.88 14.40 -28.51
CA ASP B 99 -43.73 15.07 -27.49
C ASP B 99 -43.42 14.48 -26.11
N MET B 100 -42.40 13.63 -26.01
CA MET B 100 -41.94 13.01 -24.74
C MET B 100 -40.40 12.91 -24.74
N ARG C 1 -9.22 15.00 -6.81
CA ARG C 1 -8.12 14.10 -6.52
C ARG C 1 -8.66 12.88 -5.78
N MET C 2 -8.51 11.71 -6.38
CA MET C 2 -9.11 10.45 -5.90
C MET C 2 -8.22 9.81 -4.84
N TYR C 3 -8.78 8.79 -4.19
CA TYR C 3 -8.25 8.10 -2.99
C TYR C 3 -8.01 6.65 -3.42
N SER C 4 -6.77 6.14 -3.28
CA SER C 4 -6.44 4.69 -3.45
C SER C 4 -6.54 4.05 -2.06
N PRO C 5 -6.99 2.77 -1.96
CA PRO C 5 -7.20 2.15 -0.66
C PRO C 5 -5.85 1.88 0.02
N VAL C 6 -5.82 2.08 1.34
CA VAL C 6 -4.66 1.78 2.23
C VAL C 6 -4.88 0.42 2.90
N SER C 7 -6.05 -0.19 2.69
CA SER C 7 -6.46 -1.51 3.23
C SER C 7 -7.03 -2.37 2.09
N ILE C 8 -7.27 -3.66 2.29
CA ILE C 8 -8.03 -4.55 1.35
C ILE C 8 -9.11 -5.32 2.11
N LYS D 4 9.80 16.40 9.68
CA LYS D 4 11.12 15.68 9.63
C LYS D 4 11.50 15.14 11.03
N THR D 5 12.18 14.00 11.07
CA THR D 5 12.04 12.96 12.13
C THR D 5 13.38 12.71 12.85
N THR D 6 13.52 13.22 14.09
CA THR D 6 14.71 13.03 14.97
C THR D 6 14.31 12.25 16.22
N GLN D 7 15.17 11.33 16.67
CA GLN D 7 14.92 10.45 17.83
C GLN D 7 16.25 10.18 18.50
N PRO D 8 16.27 9.63 19.74
CA PRO D 8 17.50 9.11 20.34
C PRO D 8 18.23 8.14 19.39
N ILE D 9 19.55 8.10 19.50
CA ILE D 9 20.46 7.31 18.61
C ILE D 9 20.57 5.90 19.17
N SER D 10 20.47 5.72 20.49
CA SER D 10 20.50 4.39 21.14
C SER D 10 19.94 4.43 22.56
N MET D 11 19.66 3.25 23.10
CA MET D 11 18.87 3.05 24.34
C MET D 11 19.13 1.65 24.90
N ASP D 12 19.38 1.57 26.20
CA ASP D 12 19.58 0.32 26.98
C ASP D 12 18.26 -0.02 27.66
N SER D 13 18.23 -1.14 28.38
CA SER D 13 17.03 -1.72 29.03
C SER D 13 17.40 -3.05 29.66
N TYR D 14 16.65 -3.49 30.65
CA TYR D 14 16.76 -4.85 31.24
C TYR D 14 15.54 -5.65 30.80
N GLU D 15 15.66 -6.97 30.86
CA GLU D 15 14.68 -7.93 30.32
C GLU D 15 13.45 -7.93 31.24
N GLY D 16 12.29 -7.55 30.71
CA GLY D 16 11.05 -7.27 31.48
C GLY D 16 10.77 -5.77 31.56
N GLN D 17 11.77 -4.99 32.02
CA GLN D 17 11.77 -3.50 32.03
C GLN D 17 11.11 -2.98 30.74
N GLU D 18 9.90 -2.42 30.85
CA GLU D 18 9.05 -1.90 29.74
C GLU D 18 9.75 -0.68 29.10
N VAL D 19 9.96 -0.71 27.77
CA VAL D 19 10.74 0.29 26.98
C VAL D 19 9.81 1.41 26.44
N ASN D 20 10.34 2.62 26.27
CA ASN D 20 9.58 3.79 25.75
C ASN D 20 10.50 4.74 25.00
N ILE D 21 10.66 4.53 23.68
CA ILE D 21 11.34 5.49 22.75
C ILE D 21 10.36 6.61 22.42
N THR D 22 10.80 7.87 22.31
CA THR D 22 9.93 8.99 21.88
C THR D 22 10.67 9.77 20.78
N CYS D 23 9.88 10.37 19.89
CA CYS D 23 10.29 10.93 18.57
C CYS D 23 9.93 12.42 18.52
N SER D 24 10.56 13.16 17.61
CA SER D 24 10.43 14.63 17.48
C SER D 24 10.09 14.97 16.03
N HIS D 25 9.07 15.82 15.84
CA HIS D 25 8.52 16.21 14.51
C HIS D 25 7.56 17.39 14.71
N ASN D 26 8.04 18.50 15.30
CA ASN D 26 7.28 19.76 15.51
C ASN D 26 6.49 20.08 14.24
N ASN D 27 7.19 20.03 13.09
CA ASN D 27 6.68 20.49 11.77
C ASN D 27 5.88 19.38 11.10
N ILE D 28 5.26 18.48 11.87
CA ILE D 28 4.34 17.41 11.38
C ILE D 28 3.21 18.08 10.60
N ALA D 29 2.97 17.69 9.35
CA ALA D 29 1.85 18.22 8.54
C ALA D 29 0.53 17.86 9.23
N THR D 30 -0.42 18.79 9.21
CA THR D 30 -1.86 18.50 9.37
C THR D 30 -2.15 17.06 8.94
N ASN D 31 -1.69 16.67 7.74
CA ASN D 31 -2.07 15.42 7.09
C ASN D 31 -0.90 14.41 7.07
N ASP D 32 -0.24 14.16 8.21
CA ASP D 32 0.90 13.21 8.31
C ASP D 32 0.59 12.08 9.31
N TYR D 33 1.16 10.89 9.05
CA TYR D 33 0.93 9.61 9.78
C TYR D 33 2.24 9.18 10.44
N ILE D 34 2.21 9.09 11.77
CA ILE D 34 3.27 8.48 12.63
C ILE D 34 3.23 6.97 12.40
N THR D 35 4.20 6.46 11.64
CA THR D 35 4.35 5.01 11.36
C THR D 35 5.75 4.56 11.80
N TRP D 36 5.85 3.37 12.40
CA TRP D 36 7.05 2.83 13.10
C TRP D 36 7.44 1.46 12.53
N TYR D 37 8.74 1.29 12.24
CA TYR D 37 9.34 0.04 11.72
C TYR D 37 10.42 -0.44 12.70
N GLN D 38 10.60 -1.77 12.74
CA GLN D 38 11.47 -2.53 13.67
C GLN D 38 12.41 -3.42 12.86
N GLN D 39 13.71 -3.12 12.87
CA GLN D 39 14.74 -3.89 12.12
C GLN D 39 15.58 -4.76 13.07
N PHE D 40 15.26 -6.05 13.10
CA PHE D 40 16.07 -7.10 13.77
C PHE D 40 17.42 -7.22 13.07
N PRO D 41 18.48 -7.64 13.80
CA PRO D 41 19.82 -7.67 13.23
C PRO D 41 19.85 -8.72 12.11
N SER D 42 20.35 -8.34 10.93
CA SER D 42 20.58 -9.19 9.72
C SER D 42 19.40 -9.16 8.75
N GLN D 43 18.15 -9.21 9.23
CA GLN D 43 16.93 -9.08 8.38
C GLN D 43 16.69 -7.57 8.15
N GLY D 44 15.95 -7.22 7.08
CA GLY D 44 15.51 -5.86 6.76
C GLY D 44 14.31 -5.44 7.60
N PRO D 45 13.92 -4.15 7.61
CA PRO D 45 12.96 -3.67 8.60
C PRO D 45 11.54 -4.18 8.31
N ARG D 46 10.67 -4.19 9.32
CA ARG D 46 9.24 -4.53 9.12
C ARG D 46 8.38 -3.60 9.96
N PHE D 47 7.15 -3.37 9.48
CA PHE D 47 6.13 -2.48 10.08
C PHE D 47 5.72 -3.07 11.43
N ILE D 48 5.46 -2.23 12.44
CA ILE D 48 4.87 -2.66 13.74
C ILE D 48 3.59 -1.86 14.05
N ILE D 49 3.59 -0.53 13.86
CA ILE D 49 2.42 0.31 14.25
C ILE D 49 2.32 1.61 13.42
N GLN D 50 1.09 2.11 13.31
CA GLN D 50 0.74 3.41 12.68
C GLN D 50 -0.32 4.12 13.52
N GLY D 51 -0.20 5.44 13.61
CA GLY D 51 -1.13 6.32 14.36
C GLY D 51 -1.29 7.66 13.68
N TYR D 52 -2.37 8.35 14.00
CA TYR D 52 -2.64 9.77 13.64
C TYR D 52 -2.75 10.60 14.91
N LYS D 53 -3.59 10.19 15.85
CA LYS D 53 -3.90 10.98 17.07
C LYS D 53 -4.45 10.10 18.19
N THR D 54 -5.23 9.08 17.82
CA THR D 54 -5.68 8.13 18.81
C THR D 54 -4.53 7.18 19.17
N LYS D 55 -4.45 6.84 20.46
CA LYS D 55 -3.62 5.74 21.02
C LYS D 55 -4.05 4.41 20.36
N VAL D 56 -3.13 3.76 19.64
CA VAL D 56 -3.33 2.42 19.01
C VAL D 56 -2.43 1.41 19.72
N THR D 57 -2.94 0.19 19.94
CA THR D 57 -2.27 -0.94 20.65
C THR D 57 -2.37 -2.21 19.79
N ASN D 58 -1.41 -3.14 19.93
CA ASN D 58 -1.19 -4.30 19.03
CA ASN D 58 -1.36 -4.38 19.11
C ASN D 58 -0.51 -5.41 19.85
N GLU D 59 -0.30 -6.58 19.21
CA GLU D 59 0.58 -7.61 19.75
C GLU D 59 1.93 -7.00 20.11
N VAL D 60 2.57 -6.36 19.12
CA VAL D 60 4.03 -5.99 19.08
C VAL D 60 4.35 -4.85 20.06
N ALA D 61 3.53 -3.79 20.09
CA ALA D 61 3.81 -2.53 20.83
C ALA D 61 2.50 -1.75 21.00
N SER D 62 2.60 -0.57 21.64
CA SER D 62 1.58 0.51 21.69
C SER D 62 2.17 1.81 21.10
N LEU D 63 1.34 2.84 20.89
CA LEU D 63 1.74 4.17 20.35
C LEU D 63 0.87 5.26 20.98
N PHE D 64 1.49 6.16 21.74
CA PHE D 64 0.84 7.38 22.29
C PHE D 64 1.23 8.58 21.43
N ILE D 65 0.26 9.47 21.18
CA ILE D 65 0.42 10.77 20.43
C ILE D 65 -0.20 11.87 21.28
N PRO D 66 0.60 12.82 21.80
CA PRO D 66 0.07 13.93 22.59
C PRO D 66 -0.71 14.95 21.75
N ALA D 67 -1.47 15.81 22.44
CA ALA D 67 -2.46 16.76 21.87
C ALA D 67 -1.82 17.56 20.74
N ASP D 68 -0.73 18.28 21.07
CA ASP D 68 -0.01 19.21 20.16
CA ASP D 68 -0.04 19.22 20.15
C ASP D 68 0.30 18.49 18.84
N ARG D 69 0.76 17.23 18.93
CA ARG D 69 1.16 16.32 17.82
C ARG D 69 2.67 16.37 17.56
N LYS D 70 3.40 17.25 18.27
CA LYS D 70 4.85 17.54 18.02
C LYS D 70 5.66 16.25 18.21
N SER D 71 5.37 15.50 19.29
CA SER D 71 6.06 14.26 19.72
C SER D 71 5.20 13.03 19.39
N SER D 72 5.71 11.83 19.69
CA SER D 72 4.97 10.55 19.67
C SER D 72 5.87 9.45 20.25
N THR D 73 5.33 8.63 21.15
CA THR D 73 6.09 7.68 22.01
C THR D 73 5.69 6.24 21.66
N LEU D 74 6.67 5.44 21.19
CA LEU D 74 6.57 3.97 20.95
C LEU D 74 6.74 3.27 22.31
N SER D 75 5.94 2.25 22.62
CA SER D 75 5.97 1.54 23.93
C SER D 75 5.96 0.02 23.73
N LEU D 76 7.04 -0.65 24.17
CA LEU D 76 7.20 -2.14 24.14
C LEU D 76 7.01 -2.68 25.54
N PRO D 77 6.33 -3.85 25.72
CA PRO D 77 6.21 -4.51 27.04
C PRO D 77 7.17 -5.69 27.29
N ARG D 78 7.30 -6.17 28.54
CA ARG D 78 8.10 -7.37 28.94
C ARG D 78 9.28 -7.57 27.96
N VAL D 79 9.98 -6.49 27.63
CA VAL D 79 11.00 -6.48 26.54
C VAL D 79 11.94 -7.68 26.74
N SER D 80 12.05 -8.56 25.73
CA SER D 80 12.89 -9.78 25.73
C SER D 80 14.20 -9.51 24.98
N LEU D 81 15.14 -10.47 24.97
CA LEU D 81 16.38 -10.40 24.12
C LEU D 81 15.94 -10.15 22.68
N SER D 82 15.08 -11.03 22.14
CA SER D 82 14.41 -10.93 20.81
C SER D 82 14.38 -9.46 20.37
N ASP D 83 13.80 -8.60 21.24
CA ASP D 83 13.35 -7.21 20.97
C ASP D 83 14.55 -6.28 20.72
N THR D 84 15.78 -6.73 20.98
CA THR D 84 17.01 -6.01 20.53
C THR D 84 16.96 -5.80 19.02
N ALA D 85 16.88 -4.53 18.61
CA ALA D 85 16.78 -4.15 17.18
C ALA D 85 16.95 -2.64 17.04
N VAL D 86 17.04 -2.14 15.82
CA VAL D 86 16.96 -0.68 15.51
C VAL D 86 15.48 -0.37 15.30
N TYR D 87 14.96 0.74 15.86
CA TYR D 87 13.54 1.18 15.76
C TYR D 87 13.46 2.57 15.11
N TYR D 88 12.82 2.65 13.94
CA TYR D 88 12.68 3.91 13.13
C TYR D 88 11.28 4.54 13.29
N CYS D 89 11.25 5.88 13.30
CA CYS D 89 10.05 6.76 13.42
C CYS D 89 9.91 7.53 12.10
N LEU D 90 8.79 7.32 11.40
CA LEU D 90 8.51 7.97 10.09
C LEU D 90 7.25 8.82 10.18
N VAL D 91 7.28 10.00 9.55
CA VAL D 91 6.13 10.93 9.43
C VAL D 91 5.99 11.34 7.96
N GLY D 92 4.94 10.85 7.30
CA GLY D 92 4.53 11.29 5.96
C GLY D 92 3.09 10.94 5.73
N SER D 93 2.60 11.16 4.51
CA SER D 93 1.37 10.54 3.96
C SER D 93 1.77 9.73 2.74
N SER D 94 1.47 8.43 2.73
CA SER D 94 1.52 7.57 1.51
C SER D 94 0.94 8.32 0.32
N PHE D 95 0.08 9.31 0.57
CA PHE D 95 -0.85 9.96 -0.38
C PHE D 95 -0.13 10.89 -1.38
N ASN D 96 0.78 11.71 -0.85
CA ASN D 96 1.65 12.63 -1.66
C ASN D 96 2.97 11.92 -1.97
N GLN D 97 3.57 11.27 -0.97
CA GLN D 97 4.82 10.46 -1.08
C GLN D 97 4.69 9.44 -2.21
N GLY D 98 3.72 8.52 -2.09
CA GLY D 98 3.57 7.31 -2.92
C GLY D 98 3.69 6.01 -2.12
N GLY D 99 4.32 6.05 -0.94
CA GLY D 99 4.60 4.87 -0.10
C GLY D 99 6.10 4.61 0.01
N LYS D 100 6.85 5.24 -0.87
CA LYS D 100 8.26 5.66 -0.65
C LYS D 100 8.40 6.13 0.80
N LEU D 101 9.21 5.43 1.61
CA LEU D 101 9.44 5.75 3.05
C LEU D 101 10.72 6.57 3.21
N ILE D 102 10.71 7.56 4.11
CA ILE D 102 11.93 8.30 4.55
C ILE D 102 12.27 7.85 5.98
N PHE D 103 13.42 7.18 6.15
CA PHE D 103 13.88 6.53 7.41
C PHE D 103 14.85 7.45 8.14
N GLY D 104 14.73 7.52 9.47
CA GLY D 104 15.74 8.16 10.34
C GLY D 104 17.01 7.33 10.41
N GLN D 105 17.93 7.69 11.30
CA GLN D 105 19.04 6.81 11.70
C GLN D 105 18.51 5.74 12.65
N GLY D 106 17.31 5.95 13.20
CA GLY D 106 16.66 5.00 14.11
C GLY D 106 17.20 5.11 15.52
N THR D 107 16.94 4.10 16.34
CA THR D 107 17.32 4.00 17.78
C THR D 107 17.75 2.55 18.09
N GLU D 108 19.05 2.31 18.29
CA GLU D 108 19.59 0.98 18.70
C GLU D 108 19.06 0.66 20.12
N LEU D 109 18.19 -0.34 20.23
CA LEU D 109 17.74 -0.86 21.55
C LEU D 109 18.56 -2.11 21.88
N SER D 110 19.05 -2.18 23.11
CA SER D 110 19.76 -3.35 23.70
C SER D 110 19.00 -3.82 24.94
N VAL D 111 18.93 -5.14 25.12
CA VAL D 111 18.16 -5.81 26.21
C VAL D 111 19.09 -6.81 26.92
N LYS D 112 20.04 -6.26 27.69
CA LYS D 112 20.91 -6.99 28.68
C LYS D 112 20.02 -7.77 29.66
N PRO D 113 20.48 -8.95 30.15
CA PRO D 113 19.65 -9.81 30.99
C PRO D 113 19.80 -9.49 32.48
N ASN D 114 18.83 -9.93 33.30
CA ASN D 114 18.87 -9.77 34.78
C ASN D 114 19.64 -10.95 35.35
N ILE D 115 20.96 -10.94 35.13
CA ILE D 115 21.95 -11.95 35.62
C ILE D 115 21.54 -12.35 37.03
N GLN D 116 21.22 -13.64 37.20
CA GLN D 116 20.59 -14.20 38.42
C GLN D 116 21.63 -14.18 39.56
N ASN D 117 22.72 -14.95 39.39
CA ASN D 117 23.82 -15.09 40.38
C ASN D 117 25.16 -14.84 39.69
N PRO D 118 25.66 -13.58 39.66
CA PRO D 118 26.94 -13.27 39.01
C PRO D 118 28.12 -14.04 39.64
N ASP D 119 29.08 -14.48 38.83
CA ASP D 119 30.25 -15.35 39.20
C ASP D 119 31.44 -15.04 38.30
N PRO D 120 31.89 -13.76 38.20
CA PRO D 120 32.76 -13.31 37.11
C PRO D 120 34.18 -13.91 37.12
N ALA D 121 34.35 -15.04 36.41
CA ALA D 121 35.62 -15.78 36.23
C ALA D 121 36.25 -15.36 34.89
N VAL D 122 37.43 -15.89 34.57
CA VAL D 122 38.19 -15.59 33.32
C VAL D 122 38.94 -16.86 32.89
N TYR D 123 38.19 -17.90 32.47
CA TYR D 123 38.67 -19.27 32.12
C TYR D 123 39.43 -19.28 30.79
N GLN D 124 40.30 -20.28 30.60
CA GLN D 124 41.25 -20.41 29.47
C GLN D 124 41.03 -21.76 28.79
N LEU D 125 40.95 -21.76 27.46
CA LEU D 125 40.65 -22.97 26.64
C LEU D 125 41.88 -23.31 25.80
N ARG D 126 42.30 -24.58 25.83
CA ARG D 126 43.28 -25.16 24.88
C ARG D 126 42.50 -25.57 23.62
N ASP D 127 42.95 -25.13 22.45
CA ASP D 127 42.56 -25.64 21.10
C ASP D 127 42.79 -27.17 21.08
N SER D 128 41.80 -27.92 20.57
CA SER D 128 41.80 -29.42 20.54
C SER D 128 42.83 -29.98 19.55
N LYS D 129 43.04 -29.32 18.39
CA LYS D 129 43.92 -29.81 17.30
C LYS D 129 45.35 -29.29 17.48
N SER D 130 45.50 -27.99 17.77
CA SER D 130 46.82 -27.29 17.96
C SER D 130 46.86 -26.65 19.36
N SER D 131 47.34 -27.40 20.37
CA SER D 131 47.22 -27.11 21.84
C SER D 131 48.23 -26.04 22.32
N ASP D 132 49.01 -25.48 21.38
CA ASP D 132 49.80 -24.23 21.55
C ASP D 132 48.83 -23.03 21.72
N LYS D 133 48.17 -22.65 20.61
CA LYS D 133 47.24 -21.48 20.55
C LYS D 133 46.10 -21.73 21.56
N SER D 134 45.69 -20.66 22.25
CA SER D 134 44.66 -20.68 23.32
C SER D 134 44.00 -19.30 23.46
N VAL D 135 42.74 -19.30 23.91
CA VAL D 135 41.90 -18.08 24.08
C VAL D 135 41.47 -17.99 25.55
N CYS D 136 41.21 -16.76 26.04
CA CYS D 136 40.65 -16.47 27.38
C CYS D 136 39.16 -16.14 27.26
N LEU D 137 38.34 -16.68 28.16
CA LEU D 137 36.87 -16.50 28.22
C LEU D 137 36.50 -15.80 29.55
N PHE D 138 36.28 -14.48 29.49
CA PHE D 138 35.64 -13.67 30.55
C PHE D 138 34.12 -13.91 30.46
N THR D 139 33.51 -14.46 31.52
CA THR D 139 32.15 -15.09 31.52
C THR D 139 31.44 -14.81 32.86
N ASP D 140 30.12 -14.68 32.83
CA ASP D 140 29.20 -14.62 34.01
C ASP D 140 29.29 -13.27 34.75
N PHE D 141 29.56 -12.15 34.06
CA PHE D 141 29.56 -10.79 34.66
C PHE D 141 28.13 -10.19 34.56
N ASP D 142 27.92 -9.02 35.18
CA ASP D 142 26.64 -8.58 35.81
C ASP D 142 25.78 -7.72 34.88
N SER D 143 26.16 -7.59 33.59
CA SER D 143 25.40 -6.82 32.54
C SER D 143 25.65 -5.31 32.64
N GLN D 144 26.03 -4.81 33.84
CA GLN D 144 26.54 -3.44 34.07
C GLN D 144 28.02 -3.32 33.65
N THR D 145 28.76 -4.43 33.59
CA THR D 145 30.23 -4.48 33.34
C THR D 145 30.55 -3.90 31.95
N ASN D 146 31.71 -3.22 31.84
CA ASN D 146 32.11 -2.25 30.77
C ASN D 146 33.29 -2.82 29.97
N VAL D 147 33.08 -3.95 29.26
CA VAL D 147 34.16 -4.75 28.60
C VAL D 147 34.97 -3.83 27.68
N SER D 148 36.27 -3.68 28.01
CA SER D 148 37.25 -2.73 27.41
C SER D 148 37.79 -3.27 26.07
N GLN D 149 38.06 -2.39 25.10
CA GLN D 149 38.87 -2.71 23.88
C GLN D 149 40.32 -3.01 24.33
N SER D 150 41.30 -3.06 23.41
CA SER D 150 42.67 -3.62 23.65
C SER D 150 43.70 -2.58 24.10
N LYS D 151 44.91 -3.04 24.44
CA LYS D 151 46.14 -2.20 24.49
C LYS D 151 46.79 -2.26 23.10
N ASP D 152 47.77 -3.15 22.91
CA ASP D 152 48.65 -3.21 21.70
C ASP D 152 47.90 -3.91 20.55
N SER D 153 48.59 -4.15 19.43
CA SER D 153 48.04 -4.67 18.14
C SER D 153 47.60 -6.13 18.28
N ASP D 154 48.48 -6.98 18.87
CA ASP D 154 48.43 -8.47 18.82
C ASP D 154 47.67 -9.05 20.03
N VAL D 155 46.78 -8.27 20.66
CA VAL D 155 45.86 -8.73 21.74
C VAL D 155 44.45 -8.27 21.36
N TYR D 156 43.54 -9.20 21.03
CA TYR D 156 42.19 -8.89 20.46
C TYR D 156 41.08 -9.18 21.48
N ILE D 157 40.17 -8.23 21.72
CA ILE D 157 39.08 -8.32 22.74
C ILE D 157 37.71 -8.05 22.10
N THR D 158 36.81 -9.05 22.10
CA THR D 158 35.44 -8.95 21.52
C THR D 158 34.51 -8.23 22.51
N ASP D 159 33.37 -7.75 22.02
CA ASP D 159 32.36 -7.09 22.88
C ASP D 159 31.67 -8.18 23.71
N LYS D 160 30.81 -7.78 24.64
CA LYS D 160 29.98 -8.73 25.44
C LYS D 160 28.97 -9.42 24.52
N CYS D 161 28.36 -10.49 25.03
CA CYS D 161 27.56 -11.48 24.27
C CYS D 161 26.72 -12.24 25.27
N VAL D 162 25.41 -12.16 25.13
CA VAL D 162 24.44 -12.88 26.00
C VAL D 162 24.12 -14.21 25.31
N LEU D 163 24.39 -15.33 25.97
CA LEU D 163 24.02 -16.70 25.51
C LEU D 163 22.95 -17.22 26.47
N ASP D 164 22.03 -18.03 25.96
CA ASP D 164 20.74 -18.34 26.61
C ASP D 164 20.56 -19.85 26.56
N MET D 165 20.67 -20.53 27.71
CA MET D 165 20.51 -21.99 27.79
C MET D 165 19.04 -22.28 28.08
N ARG D 166 18.25 -22.38 27.00
CA ARG D 166 16.76 -22.27 27.03
C ARG D 166 16.20 -23.37 27.94
N SER D 167 16.56 -24.62 27.71
CA SER D 167 16.43 -25.71 28.72
C SER D 167 17.39 -25.40 29.87
N MET D 168 16.87 -25.26 31.09
CA MET D 168 17.66 -24.97 32.34
C MET D 168 17.47 -23.51 32.75
N ASP D 169 17.27 -22.60 31.81
CA ASP D 169 17.38 -21.14 32.04
C ASP D 169 18.87 -20.82 32.20
N PHE D 170 19.20 -19.69 32.83
CA PHE D 170 20.55 -19.08 32.85
C PHE D 170 20.80 -18.46 31.48
N LYS D 171 21.07 -17.16 31.51
CA LYS D 171 21.64 -16.38 30.39
C LYS D 171 22.98 -15.83 30.90
N SER D 172 24.08 -16.28 30.32
CA SER D 172 25.44 -15.79 30.67
C SER D 172 25.78 -14.61 29.76
N ASN D 173 26.46 -13.60 30.29
CA ASN D 173 27.25 -12.64 29.49
C ASN D 173 28.66 -13.27 29.34
N SER D 174 29.30 -13.14 28.17
CA SER D 174 30.66 -13.68 27.89
C SER D 174 31.35 -12.85 26.81
N ALA D 175 32.64 -12.55 26.99
CA ALA D 175 33.56 -11.98 25.98
C ALA D 175 34.77 -12.92 25.84
N VAL D 176 35.56 -12.74 24.79
CA VAL D 176 36.70 -13.64 24.40
C VAL D 176 37.92 -12.75 24.12
N ALA D 177 39.13 -13.23 24.49
CA ALA D 177 40.42 -12.49 24.37
C ALA D 177 41.53 -13.47 23.98
N TRP D 178 42.47 -13.06 23.12
CA TRP D 178 43.58 -13.93 22.63
C TRP D 178 44.73 -13.11 22.02
N SER D 179 45.95 -13.68 22.04
CA SER D 179 47.19 -13.16 21.39
C SER D 179 47.85 -14.27 20.55
N ASN D 180 48.28 -13.95 19.32
CA ASN D 180 48.55 -14.91 18.20
C ASN D 180 50.01 -15.36 18.25
N ASP D 183 54.06 -14.44 25.29
CA ASP D 183 54.26 -13.25 26.19
C ASP D 183 52.94 -12.83 26.86
N PHE D 184 51.78 -13.27 26.35
CA PHE D 184 50.43 -12.77 26.75
C PHE D 184 49.88 -13.65 27.88
N ALA D 185 49.53 -12.99 29.00
CA ALA D 185 48.97 -13.61 30.22
C ALA D 185 47.51 -13.97 29.96
N CYS D 186 46.83 -14.65 30.89
CA CYS D 186 45.37 -14.85 30.82
C CYS D 186 44.69 -14.17 32.02
N ALA D 187 44.98 -12.89 32.23
CA ALA D 187 44.24 -11.99 33.13
C ALA D 187 44.38 -10.56 32.59
N ASN D 188 44.40 -9.56 33.48
CA ASN D 188 44.77 -8.13 33.22
C ASN D 188 43.93 -7.53 32.07
N ALA D 189 42.66 -7.95 31.92
CA ALA D 189 41.76 -7.54 30.81
C ALA D 189 40.43 -7.06 31.39
N GLY E 4 8.21 -14.39 1.07
CA GLY E 4 7.70 -13.26 0.23
C GLY E 4 8.81 -12.64 -0.60
N VAL E 5 9.48 -11.62 -0.06
CA VAL E 5 10.46 -10.77 -0.79
C VAL E 5 11.84 -11.42 -0.76
N SER E 6 12.22 -12.16 -1.80
CA SER E 6 13.55 -12.82 -1.92
C SER E 6 14.51 -11.97 -2.77
N GLN E 7 15.80 -11.99 -2.41
CA GLN E 7 16.90 -11.26 -3.09
C GLN E 7 18.06 -12.23 -3.33
N ASN E 8 18.61 -12.25 -4.54
CA ASN E 8 19.85 -13.01 -4.93
C ASN E 8 20.77 -12.09 -5.71
N PRO E 9 22.10 -12.21 -5.58
CA PRO E 9 22.71 -13.02 -4.54
C PRO E 9 22.51 -12.34 -3.18
N ARG E 10 22.73 -13.07 -2.09
CA ARG E 10 22.56 -12.56 -0.71
C ARG E 10 23.84 -11.84 -0.28
N HIS E 11 24.94 -12.10 -1.00
CA HIS E 11 26.28 -11.48 -0.84
C HIS E 11 26.90 -11.29 -2.22
N LYS E 12 27.61 -10.19 -2.44
CA LYS E 12 28.41 -10.02 -3.67
C LYS E 12 29.66 -9.21 -3.35
N ILE E 13 30.81 -9.67 -3.85
CA ILE E 13 32.13 -8.95 -3.87
C ILE E 13 32.42 -8.52 -5.31
N THR E 14 33.10 -7.40 -5.50
CA THR E 14 33.53 -7.00 -6.87
C THR E 14 34.75 -6.12 -6.77
N LYS E 15 35.68 -6.31 -7.71
CA LYS E 15 36.80 -5.37 -7.95
C LYS E 15 36.18 -4.01 -8.29
N ARG E 16 36.45 -3.01 -7.45
CA ARG E 16 36.15 -1.58 -7.68
C ARG E 16 36.39 -1.28 -9.17
N GLY E 17 35.36 -0.81 -9.89
CA GLY E 17 35.40 -0.55 -11.34
C GLY E 17 34.49 -1.48 -12.13
N GLN E 18 34.39 -2.75 -11.71
CA GLN E 18 33.44 -3.75 -12.27
C GLN E 18 32.00 -3.37 -11.92
N ASN E 19 31.04 -3.96 -12.64
CA ASN E 19 29.59 -3.75 -12.42
C ASN E 19 29.06 -4.91 -11.58
N VAL E 20 27.80 -4.81 -11.17
CA VAL E 20 27.07 -5.87 -10.43
C VAL E 20 25.59 -5.68 -10.75
N THR E 21 24.81 -6.76 -10.62
CA THR E 21 23.37 -6.83 -10.93
C THR E 21 22.69 -7.80 -9.96
N PHE E 22 22.27 -7.26 -8.81
CA PHE E 22 21.33 -7.95 -7.89
C PHE E 22 19.95 -8.01 -8.53
N ARG E 23 19.14 -8.88 -7.95
CA ARG E 23 17.74 -9.15 -8.32
C ARG E 23 16.91 -9.16 -7.04
N CYS E 24 15.61 -8.94 -7.22
CA CYS E 24 14.55 -8.98 -6.18
C CYS E 24 13.30 -9.63 -6.76
N ASP E 25 12.71 -10.57 -6.02
CA ASP E 25 11.41 -11.21 -6.33
C ASP E 25 10.43 -10.79 -5.25
N PRO E 26 9.44 -9.93 -5.59
CA PRO E 26 8.46 -9.47 -4.62
C PRO E 26 7.35 -10.50 -4.41
N ILE E 27 6.56 -10.32 -3.36
CA ILE E 27 5.31 -11.09 -3.10
C ILE E 27 4.40 -11.01 -4.36
N SER E 28 3.64 -12.07 -4.67
CA SER E 28 3.22 -12.43 -6.06
C SER E 28 2.30 -11.39 -6.70
N GLU E 29 1.46 -10.76 -5.89
CA GLU E 29 0.37 -9.87 -6.35
C GLU E 29 0.85 -8.41 -6.20
N HIS E 30 1.74 -8.13 -5.25
CA HIS E 30 2.24 -6.77 -4.94
C HIS E 30 2.69 -6.10 -6.24
N ASN E 31 2.08 -4.93 -6.51
CA ASN E 31 2.24 -4.22 -7.77
C ASN E 31 3.28 -3.10 -7.63
N ARG E 32 3.60 -2.70 -6.39
CA ARG E 32 4.67 -1.73 -6.10
C ARG E 32 5.92 -2.53 -5.74
N LEU E 33 7.10 -2.11 -6.22
CA LEU E 33 8.43 -2.66 -5.82
C LEU E 33 9.40 -1.49 -5.65
N TYR E 34 10.06 -1.41 -4.48
CA TYR E 34 10.95 -0.30 -4.03
C TYR E 34 12.35 -0.84 -3.78
N TRP E 35 13.37 -0.04 -4.10
CA TRP E 35 14.80 -0.30 -3.79
C TRP E 35 15.31 0.73 -2.79
N TYR E 36 15.80 0.27 -1.66
CA TYR E 36 16.48 1.10 -0.64
C TYR E 36 17.97 0.68 -0.56
N ARG E 37 18.77 1.44 0.20
CA ARG E 37 20.24 1.28 0.33
C ARG E 37 20.67 1.63 1.76
N GLN E 38 21.16 0.63 2.50
CA GLN E 38 21.54 0.79 3.92
C GLN E 38 23.06 0.56 4.07
N THR E 39 23.77 1.60 4.50
CA THR E 39 25.15 1.51 5.04
C THR E 39 25.05 1.13 6.52
N LEU E 40 26.13 0.63 7.11
CA LEU E 40 26.19 0.11 8.52
C LEU E 40 25.59 1.15 9.47
N GLY E 41 24.78 0.72 10.45
CA GLY E 41 24.28 1.51 11.59
C GLY E 41 23.56 2.78 11.17
N GLN E 42 23.00 2.82 9.97
CA GLN E 42 22.12 3.91 9.44
C GLN E 42 20.71 3.35 9.27
N GLY E 43 19.89 4.02 8.47
CA GLY E 43 18.57 3.55 8.04
C GLY E 43 18.44 3.67 6.53
N PRO E 44 17.54 2.90 5.91
CA PRO E 44 17.48 2.80 4.45
C PRO E 44 17.20 4.13 3.76
N GLU E 45 17.97 4.48 2.72
CA GLU E 45 17.64 5.58 1.78
C GLU E 45 16.88 5.01 0.57
N PHE E 46 15.76 5.62 0.21
CA PHE E 46 15.00 5.30 -1.02
C PHE E 46 15.91 5.54 -2.22
N LEU E 47 15.90 4.63 -3.19
CA LEU E 47 16.65 4.75 -4.47
C LEU E 47 15.70 5.00 -5.66
N THR E 48 14.74 4.09 -5.89
CA THR E 48 13.67 4.18 -6.93
C THR E 48 12.59 3.17 -6.58
N TYR E 49 11.32 3.43 -6.92
CA TYR E 49 10.19 2.46 -6.79
C TYR E 49 9.52 2.27 -8.16
N PHE E 50 8.68 1.24 -8.27
CA PHE E 50 7.93 0.87 -9.50
C PHE E 50 6.44 0.62 -9.20
N GLN E 51 5.59 0.85 -10.20
CA GLN E 51 4.19 0.39 -10.26
C GLN E 51 4.11 -0.48 -11.51
N ASN E 52 4.01 -1.80 -11.36
CA ASN E 52 4.14 -2.78 -12.48
C ASN E 52 5.48 -2.51 -13.17
N GLU E 53 5.49 -2.50 -14.51
CA GLU E 53 6.73 -2.27 -15.27
C GLU E 53 7.17 -0.80 -15.21
N ALA E 54 6.34 0.11 -14.69
CA ALA E 54 6.55 1.58 -14.76
C ALA E 54 7.45 2.05 -13.62
N GLN E 55 8.67 2.46 -13.95
CA GLN E 55 9.56 3.13 -12.99
C GLN E 55 9.04 4.54 -12.80
N LEU E 56 8.39 4.83 -11.67
CA LEU E 56 7.80 6.17 -11.34
C LEU E 56 8.93 7.07 -10.82
N GLU E 57 8.87 7.54 -9.57
CA GLU E 57 9.89 8.46 -8.97
C GLU E 57 11.24 7.74 -8.94
N LYS E 58 12.32 8.44 -8.54
CA LYS E 58 13.74 7.98 -8.63
C LYS E 58 14.68 9.03 -8.00
N SER E 59 15.16 8.77 -6.79
CA SER E 59 15.90 9.72 -5.91
C SER E 59 16.87 10.61 -6.70
N ARG E 60 16.89 11.92 -6.39
CA ARG E 60 17.80 12.95 -6.95
C ARG E 60 19.27 12.51 -6.84
N LEU E 61 19.72 12.37 -5.59
CA LEU E 61 21.16 12.14 -5.27
C LEU E 61 21.67 10.93 -6.07
N LEU E 62 20.80 9.93 -6.34
CA LEU E 62 21.15 8.62 -6.97
C LEU E 62 21.96 8.85 -8.26
N SER E 63 23.23 8.40 -8.27
CA SER E 63 24.19 8.50 -9.41
C SER E 63 23.58 7.81 -10.63
N ASP E 64 23.99 8.21 -11.83
CA ASP E 64 23.44 7.62 -13.08
C ASP E 64 24.30 6.41 -13.48
N ARG E 65 25.13 5.90 -12.56
CA ARG E 65 25.73 4.55 -12.65
C ARG E 65 24.64 3.54 -12.26
N PHE E 66 23.85 3.90 -11.24
CA PHE E 66 22.69 3.14 -10.73
C PHE E 66 21.53 3.24 -11.73
N SER E 67 20.96 2.11 -12.13
CA SER E 67 19.73 2.00 -12.96
C SER E 67 18.91 0.79 -12.50
N ALA E 68 17.58 0.87 -12.55
CA ALA E 68 16.65 -0.20 -12.08
C ALA E 68 15.73 -0.64 -13.22
N GLU E 69 15.23 -1.87 -13.16
CA GLU E 69 14.42 -2.49 -14.24
C GLU E 69 13.37 -3.43 -13.64
N ARG E 70 12.15 -3.43 -14.18
CA ARG E 70 11.07 -4.34 -13.76
C ARG E 70 10.33 -4.82 -15.01
N PRO E 71 11.02 -5.54 -15.92
CA PRO E 71 10.62 -5.60 -17.31
C PRO E 71 9.17 -6.06 -17.50
N LYS E 72 8.72 -7.13 -16.84
CA LYS E 72 7.56 -7.99 -16.82
C LYS E 72 6.63 -7.55 -15.68
N GLY E 73 7.03 -6.54 -14.90
CA GLY E 73 6.26 -6.03 -13.74
C GLY E 73 6.21 -7.06 -12.62
N SER E 74 7.26 -7.85 -12.48
CA SER E 74 7.37 -8.89 -11.45
C SER E 74 8.71 -8.69 -10.75
N PHE E 75 9.69 -9.52 -11.11
CA PHE E 75 11.08 -9.46 -10.62
C PHE E 75 11.68 -8.12 -11.06
N SER E 76 12.63 -7.63 -10.27
CA SER E 76 13.36 -6.36 -10.49
C SER E 76 14.87 -6.57 -10.29
N THR E 77 15.68 -5.96 -11.15
CA THR E 77 17.15 -5.99 -11.09
C THR E 77 17.65 -4.57 -10.87
N LEU E 78 18.57 -4.35 -9.93
CA LEU E 78 19.33 -3.09 -9.73
C LEU E 78 20.75 -3.27 -10.29
N GLU E 79 21.24 -2.35 -11.13
CA GLU E 79 22.58 -2.47 -11.76
C GLU E 79 23.42 -1.25 -11.38
N ILE E 80 24.56 -1.50 -10.73
CA ILE E 80 25.59 -0.48 -10.37
C ILE E 80 26.78 -0.66 -11.30
N GLN E 81 26.99 0.29 -12.23
CA GLN E 81 28.15 0.29 -13.18
C GLN E 81 29.38 0.89 -12.49
N ARG E 82 30.58 0.51 -12.92
CA ARG E 82 31.86 1.15 -12.53
C ARG E 82 31.83 1.54 -11.03
N THR E 83 31.79 0.51 -10.16
CA THR E 83 31.50 0.60 -8.71
C THR E 83 32.63 1.34 -7.99
N GLU E 84 32.31 1.99 -6.87
CA GLU E 84 33.26 2.73 -6.01
C GLU E 84 33.19 2.13 -4.61
N GLN E 85 34.08 2.52 -3.70
CA GLN E 85 34.05 2.07 -2.29
C GLN E 85 32.66 2.40 -1.73
N GLY E 86 32.29 3.68 -1.74
CA GLY E 86 31.05 4.20 -1.15
C GLY E 86 29.86 3.28 -1.38
N ASP E 87 29.79 2.65 -2.56
CA ASP E 87 28.69 1.75 -3.00
C ASP E 87 28.50 0.60 -2.02
N SER E 88 29.56 0.21 -1.30
CA SER E 88 29.51 -0.87 -0.28
C SER E 88 28.37 -0.56 0.70
N ALA E 89 27.37 -1.44 0.72
CA ALA E 89 26.10 -1.24 1.45
C ALA E 89 25.26 -2.52 1.44
N MET E 90 24.22 -2.54 2.26
CA MET E 90 23.12 -3.55 2.18
C MET E 90 22.05 -2.99 1.24
N TYR E 91 21.88 -3.59 0.06
CA TYR E 91 20.87 -3.16 -0.95
C TYR E 91 19.55 -3.93 -0.67
N LEU E 92 18.59 -3.24 -0.03
CA LEU E 92 17.29 -3.76 0.42
C LEU E 92 16.25 -3.57 -0.70
N CYS E 93 15.33 -4.51 -0.85
CA CYS E 93 14.17 -4.42 -1.76
C CYS E 93 12.90 -4.51 -0.94
N ALA E 94 11.84 -3.78 -1.30
CA ALA E 94 10.52 -3.86 -0.63
C ALA E 94 9.43 -4.05 -1.67
N SER E 95 8.29 -4.64 -1.29
CA SER E 95 7.05 -4.70 -2.10
C SER E 95 5.88 -4.22 -1.25
N SER E 96 4.81 -3.74 -1.88
CA SER E 96 3.52 -3.42 -1.22
C SER E 96 2.38 -3.59 -2.24
N LEU E 97 1.17 -3.80 -1.74
CA LEU E 97 -0.07 -3.74 -2.56
C LEU E 97 -0.58 -2.30 -2.53
N GLY E 98 -0.31 -1.57 -3.61
CA GLY E 98 -0.48 -0.11 -3.66
C GLY E 98 0.29 0.55 -2.54
N ARG E 99 0.15 1.86 -2.36
CA ARG E 99 0.70 2.56 -1.17
C ARG E 99 0.29 1.76 0.06
N GLU E 100 1.13 1.82 1.10
CA GLU E 100 0.76 1.36 2.44
C GLU E 100 0.60 -0.16 2.57
N TYR E 101 -0.51 -0.76 2.10
CA TYR E 101 -0.88 -2.15 2.49
C TYR E 101 0.25 -3.13 2.14
N GLY E 102 0.60 -3.99 3.09
CA GLY E 102 1.50 -5.16 2.93
C GLY E 102 2.98 -4.81 2.78
N TYR E 103 3.38 -3.61 3.20
CA TYR E 103 4.75 -3.11 2.96
C TYR E 103 5.75 -4.06 3.59
N THR E 104 6.33 -4.96 2.79
CA THR E 104 7.34 -5.98 3.19
C THR E 104 8.69 -5.70 2.54
N PHE E 105 9.76 -5.91 3.31
CA PHE E 105 11.19 -5.76 2.91
C PHE E 105 11.81 -7.14 2.70
N GLY E 106 12.94 -7.17 2.02
CA GLY E 106 13.82 -8.34 1.93
C GLY E 106 14.91 -8.25 2.99
N SER E 107 15.60 -9.37 3.21
CA SER E 107 16.79 -9.52 4.10
C SER E 107 17.98 -8.74 3.52
N GLY E 108 18.02 -8.60 2.19
CA GLY E 108 18.95 -7.68 1.50
C GLY E 108 19.92 -8.44 0.62
N THR E 109 20.71 -7.68 -0.13
CA THR E 109 21.97 -8.12 -0.77
C THR E 109 23.10 -7.31 -0.14
N ARG E 110 24.03 -7.96 0.57
CA ARG E 110 25.23 -7.31 1.14
C ARG E 110 26.30 -7.20 0.04
N LEU E 111 26.65 -5.97 -0.35
CA LEU E 111 27.72 -5.69 -1.35
C LEU E 111 28.96 -5.18 -0.63
N THR E 112 30.11 -5.78 -0.91
CA THR E 112 31.41 -5.16 -0.59
C THR E 112 32.17 -5.03 -1.90
N VAL E 113 32.72 -3.84 -2.12
CA VAL E 113 33.55 -3.47 -3.30
C VAL E 113 34.95 -3.25 -2.77
N VAL E 114 35.94 -3.88 -3.39
CA VAL E 114 37.33 -4.01 -2.87
C VAL E 114 38.28 -3.38 -3.89
N GLU E 115 39.42 -2.84 -3.42
CA GLU E 115 40.33 -2.16 -4.32
C GLU E 115 40.99 -3.19 -5.25
N ASP E 116 41.16 -4.42 -4.77
CA ASP E 116 41.65 -5.54 -5.62
C ASP E 116 41.32 -6.87 -4.94
N LEU E 117 41.16 -7.92 -5.76
CA LEU E 117 40.64 -9.26 -5.34
C LEU E 117 41.65 -9.94 -4.41
N ASN E 118 42.94 -9.59 -4.51
CA ASN E 118 44.02 -10.11 -3.63
C ASN E 118 43.77 -9.72 -2.16
N LYS E 119 42.88 -8.75 -1.87
CA LYS E 119 42.48 -8.36 -0.49
C LYS E 119 41.55 -9.43 0.13
N VAL E 120 40.99 -10.34 -0.66
CA VAL E 120 39.93 -11.28 -0.21
C VAL E 120 40.58 -12.54 0.34
N PHE E 121 40.26 -12.89 1.58
CA PHE E 121 40.85 -14.05 2.29
C PHE E 121 39.72 -14.85 2.92
N PRO E 122 39.74 -16.21 2.81
CA PRO E 122 38.83 -17.05 3.58
C PRO E 122 39.23 -17.00 5.04
N PRO E 123 38.34 -17.44 5.95
CA PRO E 123 38.68 -17.53 7.37
C PRO E 123 39.37 -18.87 7.64
N GLU E 124 40.25 -18.95 8.63
CA GLU E 124 40.59 -20.26 9.26
C GLU E 124 39.67 -20.39 10.47
N VAL E 125 39.30 -21.61 10.89
CA VAL E 125 38.41 -21.82 12.06
C VAL E 125 39.01 -22.90 12.96
N ALA E 126 39.19 -22.60 14.25
CA ALA E 126 39.57 -23.58 15.28
C ALA E 126 38.50 -23.58 16.36
N VAL E 127 38.29 -24.74 17.00
CA VAL E 127 37.37 -24.97 18.16
C VAL E 127 38.24 -25.13 19.40
N PHE E 128 38.01 -24.32 20.43
CA PHE E 128 38.80 -24.27 21.68
C PHE E 128 38.01 -24.93 22.82
N GLU E 129 38.42 -26.12 23.28
CA GLU E 129 37.66 -27.00 24.20
C GLU E 129 37.54 -26.40 25.61
N PRO E 130 36.55 -26.88 26.41
CA PRO E 130 36.14 -26.18 27.63
C PRO E 130 37.14 -26.34 28.78
N SER E 131 37.30 -25.29 29.59
CA SER E 131 38.17 -25.24 30.79
C SER E 131 37.59 -26.22 31.82
N GLU E 132 38.41 -27.15 32.34
CA GLU E 132 37.99 -28.14 33.39
C GLU E 132 37.90 -27.37 34.72
N ALA E 133 38.48 -26.16 34.78
CA ALA E 133 38.29 -25.13 35.84
C ALA E 133 36.81 -24.72 35.95
N GLU E 134 36.14 -24.58 34.78
CA GLU E 134 34.71 -24.21 34.58
C GLU E 134 33.80 -25.39 34.97
N ILE E 135 34.10 -26.60 34.46
CA ILE E 135 33.34 -27.87 34.65
C ILE E 135 33.00 -28.10 36.15
N SER E 136 33.96 -27.90 37.07
CA SER E 136 33.71 -27.92 38.54
C SER E 136 32.92 -26.67 38.96
N HIS E 137 33.52 -25.48 38.83
CA HIS E 137 32.99 -24.17 39.33
C HIS E 137 31.52 -23.97 38.91
N THR E 138 31.12 -24.38 37.70
CA THR E 138 29.82 -23.99 37.10
C THR E 138 28.93 -25.19 36.76
N GLN E 139 29.43 -26.43 36.74
CA GLN E 139 28.67 -27.61 36.25
C GLN E 139 28.41 -27.45 34.75
N LYS E 140 29.00 -26.41 34.13
CA LYS E 140 28.73 -25.99 32.72
C LYS E 140 30.08 -25.94 32.00
N ALA E 141 30.06 -25.81 30.67
CA ALA E 141 31.23 -25.96 29.78
C ALA E 141 31.06 -25.10 28.51
N THR E 142 31.83 -24.00 28.40
CA THR E 142 31.74 -23.00 27.29
C THR E 142 32.75 -23.38 26.20
N LEU E 143 32.28 -23.97 25.09
CA LEU E 143 33.07 -24.18 23.85
C LEU E 143 33.17 -22.81 23.15
N VAL E 144 34.36 -22.42 22.68
CA VAL E 144 34.54 -21.20 21.83
C VAL E 144 34.92 -21.68 20.43
N CYS E 145 34.49 -20.91 19.43
CA CYS E 145 34.83 -21.05 18.00
C CYS E 145 35.34 -19.71 17.47
N LEU E 146 36.32 -19.75 16.57
CA LEU E 146 37.19 -18.59 16.24
C LEU E 146 37.54 -18.67 14.76
N ALA E 147 36.91 -17.79 13.97
CA ALA E 147 37.18 -17.53 12.53
C ALA E 147 38.35 -16.54 12.41
N THR E 148 39.57 -17.08 12.37
CA THR E 148 40.88 -16.42 12.63
C THR E 148 41.01 -15.07 11.94
N GLY E 149 40.73 -14.97 10.63
CA GLY E 149 41.18 -13.79 9.86
C GLY E 149 40.86 -13.86 8.38
N PHE E 150 39.90 -13.06 7.94
CA PHE E 150 39.20 -13.19 6.64
C PHE E 150 38.76 -11.81 6.17
N TYR E 151 38.56 -11.66 4.86
CA TYR E 151 38.04 -10.43 4.20
C TYR E 151 37.14 -10.82 3.03
N PRO E 152 35.95 -10.19 2.84
CA PRO E 152 35.31 -9.28 3.81
C PRO E 152 34.24 -10.01 4.66
N ASP E 153 33.48 -9.28 5.49
CA ASP E 153 32.60 -9.86 6.54
C ASP E 153 31.43 -10.61 5.90
N HIS E 154 31.69 -11.62 5.06
CA HIS E 154 30.63 -12.40 4.35
C HIS E 154 30.74 -13.86 4.80
N VAL E 155 30.41 -14.12 6.06
CA VAL E 155 30.55 -15.45 6.71
C VAL E 155 29.33 -15.74 7.58
N GLU E 156 28.90 -16.99 7.61
CA GLU E 156 27.76 -17.48 8.42
C GLU E 156 28.22 -18.63 9.32
N LEU E 157 28.39 -18.35 10.60
CA LEU E 157 28.88 -19.32 11.60
C LEU E 157 27.70 -20.08 12.21
N SER E 158 27.68 -21.41 12.08
CA SER E 158 26.63 -22.34 12.58
C SER E 158 27.28 -23.41 13.48
N TRP E 159 26.60 -23.80 14.57
CA TRP E 159 27.01 -24.89 15.50
C TRP E 159 26.23 -26.17 15.18
N TRP E 160 26.89 -27.33 15.26
CA TRP E 160 26.35 -28.63 14.75
C TRP E 160 26.64 -29.77 15.73
N VAL E 161 25.79 -29.88 16.76
CA VAL E 161 25.89 -30.90 17.85
C VAL E 161 25.20 -32.19 17.40
N ASN E 162 25.98 -33.26 17.21
CA ASN E 162 25.53 -34.62 16.78
C ASN E 162 24.83 -34.51 15.43
N GLY E 163 25.37 -33.67 14.54
CA GLY E 163 24.92 -33.54 13.15
C GLY E 163 23.53 -32.93 13.02
N LYS E 164 23.18 -32.04 13.95
CA LYS E 164 21.95 -31.20 13.91
C LYS E 164 22.30 -29.82 14.45
N GLU E 165 21.89 -28.75 13.75
CA GLU E 165 22.20 -27.35 14.14
C GLU E 165 21.46 -27.03 15.45
N VAL E 166 22.02 -26.15 16.29
CA VAL E 166 21.49 -25.89 17.66
C VAL E 166 21.55 -24.38 17.91
N HIS E 167 20.60 -23.85 18.68
CA HIS E 167 20.48 -22.40 18.98
C HIS E 167 20.52 -22.13 20.49
N SER E 168 19.94 -22.99 21.32
CA SER E 168 20.09 -22.90 22.81
C SER E 168 21.58 -22.88 23.15
N GLY E 169 21.97 -21.99 24.07
CA GLY E 169 23.34 -21.91 24.63
C GLY E 169 24.33 -21.20 23.70
N VAL E 170 23.91 -20.76 22.51
CA VAL E 170 24.83 -20.16 21.49
C VAL E 170 24.86 -18.63 21.65
N CYS E 171 25.94 -17.99 21.19
CA CYS E 171 26.08 -16.52 21.07
C CYS E 171 27.28 -16.21 20.18
N THR E 172 27.06 -15.72 18.96
CA THR E 172 28.11 -15.18 18.03
C THR E 172 28.28 -13.66 18.29
N ASP E 173 29.34 -13.03 17.79
CA ASP E 173 29.58 -11.59 18.02
C ASP E 173 28.50 -10.81 17.29
N PRO E 174 28.02 -9.67 17.83
CA PRO E 174 27.03 -8.86 17.12
C PRO E 174 27.50 -8.65 15.66
N GLN E 175 28.74 -8.19 15.47
CA GLN E 175 29.51 -8.27 14.18
C GLN E 175 31.00 -8.09 14.55
N PRO E 176 31.97 -8.31 13.62
CA PRO E 176 33.34 -8.70 14.00
C PRO E 176 34.30 -7.53 14.22
N LEU E 177 35.57 -7.82 14.53
CA LEU E 177 36.63 -6.79 14.75
C LEU E 177 37.77 -6.96 13.75
N LYS E 178 38.62 -5.95 13.65
CA LYS E 178 39.70 -5.84 12.65
C LYS E 178 41.02 -6.29 13.26
N GLU E 179 41.61 -7.38 12.76
CA GLU E 179 42.96 -7.85 13.19
C GLU E 179 43.94 -6.67 13.22
N GLN E 180 43.84 -5.74 12.26
CA GLN E 180 44.61 -4.47 12.21
C GLN E 180 43.65 -3.29 12.03
N PRO E 181 43.01 -2.75 13.10
CA PRO E 181 41.97 -1.73 12.98
C PRO E 181 42.37 -0.39 12.36
N ALA E 182 43.66 -0.10 12.29
CA ALA E 182 44.24 1.01 11.49
C ALA E 182 43.94 0.77 10.01
N LEU E 183 44.61 -0.25 9.42
CA LEU E 183 44.52 -0.66 7.99
C LEU E 183 43.05 -0.70 7.57
N ASN E 184 42.61 0.31 6.80
CA ASN E 184 41.23 0.40 6.26
C ASN E 184 40.59 -1.00 6.17
N ASP E 185 41.15 -1.86 5.30
CA ASP E 185 40.57 -3.14 4.78
C ASP E 185 41.18 -4.33 5.55
N SER E 186 41.40 -4.16 6.86
CA SER E 186 41.84 -5.22 7.80
C SER E 186 41.00 -6.48 7.58
N ARG E 187 41.65 -7.63 7.70
CA ARG E 187 40.96 -8.94 7.78
C ARG E 187 40.31 -9.02 9.16
N TYR E 188 39.12 -9.59 9.22
CA TYR E 188 38.26 -9.58 10.41
C TYR E 188 38.42 -10.89 11.14
N ALA E 189 38.10 -10.94 12.43
CA ALA E 189 38.04 -12.14 13.29
C ALA E 189 36.70 -12.19 14.03
N LEU E 190 36.12 -13.38 14.17
CA LEU E 190 34.77 -13.55 14.75
C LEU E 190 34.79 -14.70 15.75
N SER E 191 34.18 -14.50 16.91
CA SER E 191 34.04 -15.54 17.97
C SER E 191 32.58 -15.97 18.05
N SER E 192 32.33 -17.16 18.62
CA SER E 192 30.99 -17.66 19.04
C SER E 192 31.18 -18.55 20.28
N ARG E 193 30.15 -18.71 21.10
CA ARG E 193 30.14 -19.60 22.29
C ARG E 193 29.12 -20.70 22.02
N LEU E 194 29.17 -21.78 22.80
CA LEU E 194 28.09 -22.80 22.87
C LEU E 194 28.16 -23.42 24.26
N ARG E 195 27.43 -22.87 25.24
CA ARG E 195 27.43 -23.37 26.63
C ARG E 195 26.52 -24.61 26.71
N VAL E 196 26.97 -25.67 27.39
CA VAL E 196 26.17 -26.92 27.61
C VAL E 196 26.48 -27.41 29.02
N SER E 197 25.66 -28.33 29.55
CA SER E 197 25.86 -28.87 30.92
C SER E 197 27.16 -29.67 30.93
N ALA E 198 27.87 -29.66 32.07
CA ALA E 198 29.11 -30.42 32.31
C ALA E 198 28.96 -31.82 31.68
N THR E 199 27.97 -32.56 32.17
CA THR E 199 27.80 -34.02 31.94
C THR E 199 27.57 -34.31 30.44
N PHE E 200 27.03 -33.34 29.68
CA PHE E 200 26.77 -33.47 28.21
C PHE E 200 28.09 -33.45 27.42
N TRP E 201 28.95 -32.46 27.69
CA TRP E 201 30.34 -32.36 27.14
C TRP E 201 31.14 -33.63 27.49
N GLN E 202 30.98 -34.15 28.71
CA GLN E 202 31.80 -35.27 29.24
C GLN E 202 31.35 -36.60 28.61
N ASP E 203 30.16 -36.61 27.98
CA ASP E 203 29.65 -37.80 27.25
C ASP E 203 30.48 -37.98 25.98
N PRO E 204 31.31 -39.05 25.90
CA PRO E 204 32.28 -39.20 24.81
C PRO E 204 31.68 -39.35 23.40
N ARG E 205 30.40 -39.76 23.31
CA ARG E 205 29.70 -40.11 22.04
C ARG E 205 28.95 -38.88 21.52
N ASN E 206 29.12 -37.71 22.14
CA ASN E 206 28.62 -36.41 21.60
C ASN E 206 29.70 -35.79 20.69
N HIS E 207 29.28 -35.24 19.53
CA HIS E 207 30.17 -34.63 18.52
C HIS E 207 29.81 -33.15 18.35
N PHE E 208 30.79 -32.25 18.44
CA PHE E 208 30.59 -30.77 18.34
C PHE E 208 31.34 -30.20 17.13
N ARG E 209 30.62 -29.59 16.18
CA ARG E 209 31.23 -29.01 14.95
C ARG E 209 30.85 -27.54 14.82
N CYS E 210 31.88 -26.69 14.74
CA CYS E 210 31.77 -25.27 14.36
C CYS E 210 31.97 -25.15 12.86
N GLN E 211 30.99 -24.59 12.15
CA GLN E 211 30.94 -24.45 10.67
C GLN E 211 30.85 -22.97 10.28
N VAL E 212 31.74 -22.51 9.39
CA VAL E 212 31.81 -21.12 8.87
C VAL E 212 31.70 -21.16 7.34
N GLN E 213 30.50 -20.92 6.81
CA GLN E 213 30.25 -20.64 5.37
C GLN E 213 30.85 -19.27 5.06
N PHE E 214 31.65 -19.20 3.99
CA PHE E 214 32.31 -17.97 3.52
C PHE E 214 31.91 -17.77 2.07
N TYR E 215 31.20 -16.68 1.78
CA TYR E 215 30.94 -16.19 0.41
C TYR E 215 32.18 -15.39 -0.01
N GLY E 216 32.76 -15.79 -1.14
CA GLY E 216 33.93 -15.10 -1.72
C GLY E 216 33.80 -14.98 -3.22
N LEU E 217 34.65 -15.68 -3.96
CA LEU E 217 34.74 -15.64 -5.44
C LEU E 217 34.17 -16.91 -6.07
N SER E 218 33.88 -16.85 -7.38
CA SER E 218 33.24 -17.92 -8.19
C SER E 218 34.10 -18.18 -9.42
N GLU E 219 33.75 -19.22 -10.18
CA GLU E 219 34.36 -19.52 -11.52
C GLU E 219 34.48 -18.23 -12.34
N ASN E 220 33.48 -17.34 -12.20
CA ASN E 220 33.35 -16.05 -12.92
C ASN E 220 34.57 -15.16 -12.68
N ASP E 221 35.09 -15.18 -11.45
CA ASP E 221 36.22 -14.32 -10.99
C ASP E 221 37.54 -14.95 -11.44
N GLU E 222 38.30 -14.23 -12.25
CA GLU E 222 39.67 -14.59 -12.68
C GLU E 222 40.60 -14.35 -11.47
N TRP E 223 41.76 -15.00 -11.40
CA TRP E 223 42.59 -14.98 -10.17
C TRP E 223 44.05 -15.39 -10.44
N THR E 224 44.94 -14.41 -10.66
CA THR E 224 46.37 -14.64 -11.04
C THR E 224 47.24 -14.08 -9.92
N GLN E 225 47.19 -14.73 -8.76
CA GLN E 225 48.12 -14.57 -7.62
C GLN E 225 48.54 -15.98 -7.20
N ASP E 226 49.72 -16.13 -6.62
CA ASP E 226 50.25 -17.48 -6.33
C ASP E 226 49.25 -18.21 -5.44
N ARG E 227 48.73 -17.56 -4.38
CA ARG E 227 48.10 -18.30 -3.25
C ARG E 227 46.82 -18.97 -3.73
N ALA E 228 46.21 -19.78 -2.88
CA ALA E 228 44.93 -20.46 -3.15
C ALA E 228 43.84 -19.41 -3.45
N LYS E 229 43.13 -19.55 -4.58
CA LYS E 229 41.99 -18.67 -4.99
C LYS E 229 40.92 -18.64 -3.92
N PRO E 230 40.62 -17.47 -3.29
CA PRO E 230 39.79 -17.38 -2.08
C PRO E 230 38.29 -17.45 -2.37
N VAL E 231 37.88 -18.58 -2.93
CA VAL E 231 36.49 -18.84 -3.42
C VAL E 231 35.59 -19.13 -2.23
N THR E 232 34.29 -19.23 -2.51
CA THR E 232 33.23 -19.56 -1.54
C THR E 232 33.41 -20.99 -1.07
N GLN E 233 33.24 -21.24 0.23
CA GLN E 233 33.54 -22.56 0.82
C GLN E 233 33.03 -22.62 2.25
N ILE E 234 32.97 -23.83 2.79
CA ILE E 234 32.58 -24.17 4.19
C ILE E 234 33.78 -24.85 4.87
N VAL E 235 34.71 -24.02 5.32
CA VAL E 235 35.86 -24.43 6.16
C VAL E 235 35.35 -24.57 7.59
N SER E 236 35.60 -25.73 8.22
CA SER E 236 34.96 -26.21 9.48
C SER E 236 36.00 -26.73 10.48
N ALA E 237 35.54 -27.18 11.66
CA ALA E 237 36.36 -27.55 12.84
C ALA E 237 35.54 -28.35 13.84
N GLU E 238 36.01 -29.53 14.26
CA GLU E 238 35.23 -30.46 15.12
C GLU E 238 35.96 -30.63 16.46
N ALA E 239 35.30 -31.29 17.42
CA ALA E 239 35.80 -31.60 18.77
C ALA E 239 34.85 -32.58 19.46
N TRP E 240 35.31 -33.80 19.75
CA TRP E 240 34.51 -34.87 20.42
C TRP E 240 34.41 -34.61 21.93
N GLY E 241 33.40 -35.22 22.57
CA GLY E 241 33.27 -35.27 24.05
C GLY E 241 34.40 -36.07 24.69
N ARG E 242 34.92 -35.57 25.82
CA ARG E 242 35.89 -36.31 26.67
C ARG E 242 35.58 -36.05 28.15
N ALA E 243 35.99 -37.00 29.00
CA ALA E 243 35.99 -36.91 30.49
C ALA E 243 37.44 -36.85 30.99
N ASP E 244 38.03 -35.64 30.95
CA ASP E 244 39.42 -35.35 31.38
C ASP E 244 39.38 -34.51 32.67
#